data_2L95
#
_entry.id   2L95
#
_entity_poly.entity_id   1
_entity_poly.type   'polypeptide(L)'
_entity_poly.pdbx_seq_one_letter_code
;MMSLVSDEEWVEYKSKFDKNYEAEEDLMRRRIYAESKARIEEHNRKFEKGEVTWKMGINHLADLTPEEFAQRSGKKVPPN
;
_entity_poly.pdbx_strand_id   A
#
# COMPACT_ATOMS: atom_id res chain seq x y z
N MET A 1 3.20 -1.96 -13.96
CA MET A 1 4.04 -0.87 -13.41
C MET A 1 3.83 -0.73 -11.90
N MET A 2 4.58 0.18 -11.29
CA MET A 2 4.47 0.42 -9.85
C MET A 2 3.81 1.76 -9.56
N SER A 3 3.56 2.55 -10.60
CA SER A 3 2.94 3.86 -10.43
C SER A 3 1.42 3.80 -10.64
N LEU A 4 0.86 2.59 -10.58
CA LEU A 4 -0.58 2.42 -10.76
C LEU A 4 -1.36 3.20 -9.71
N VAL A 5 -0.87 3.15 -8.48
CA VAL A 5 -1.54 3.82 -7.38
C VAL A 5 -0.69 4.90 -6.75
N SER A 6 -1.10 6.14 -6.98
CA SER A 6 -0.40 7.28 -6.41
C SER A 6 -1.05 7.70 -5.09
N ASP A 7 -0.42 8.65 -4.42
CA ASP A 7 -0.94 9.19 -3.16
C ASP A 7 -2.43 9.53 -3.27
N GLU A 8 -2.90 9.73 -4.50
CA GLU A 8 -4.29 10.09 -4.78
C GLU A 8 -5.27 9.14 -4.10
N GLU A 9 -5.17 7.86 -4.42
CA GLU A 9 -6.08 6.89 -3.84
C GLU A 9 -5.86 6.76 -2.34
N TRP A 10 -4.64 7.03 -1.90
CA TRP A 10 -4.30 6.91 -0.48
C TRP A 10 -4.66 8.15 0.34
N VAL A 11 -4.77 9.31 -0.29
CA VAL A 11 -5.09 10.52 0.46
C VAL A 11 -6.46 10.36 1.05
N GLU A 12 -7.36 9.85 0.25
CA GLU A 12 -8.71 9.64 0.72
C GLU A 12 -8.67 8.62 1.85
N TYR A 13 -7.70 7.72 1.75
CA TYR A 13 -7.50 6.65 2.74
C TYR A 13 -6.84 7.17 4.01
N LYS A 14 -5.89 8.10 3.87
CA LYS A 14 -5.15 8.64 5.01
C LYS A 14 -6.08 9.12 6.11
N SER A 15 -7.24 9.66 5.74
CA SER A 15 -8.22 10.13 6.70
C SER A 15 -8.88 8.95 7.35
N LYS A 16 -9.17 7.96 6.52
CA LYS A 16 -9.83 6.77 6.98
C LYS A 16 -8.86 5.79 7.63
N PHE A 17 -7.58 6.08 7.54
CA PHE A 17 -6.56 5.19 8.13
C PHE A 17 -5.88 5.82 9.34
N ASP A 18 -6.07 7.11 9.54
CA ASP A 18 -5.46 7.82 10.67
C ASP A 18 -3.95 7.99 10.47
N LYS A 19 -3.46 7.63 9.28
CA LYS A 19 -2.05 7.76 8.94
C LYS A 19 -1.91 8.52 7.65
N ASN A 20 -1.80 9.85 7.75
CA ASN A 20 -1.71 10.69 6.58
C ASN A 20 -0.27 11.04 6.19
N TYR A 21 0.13 10.55 5.03
CA TYR A 21 1.46 10.83 4.50
C TYR A 21 1.32 11.17 3.00
N GLU A 22 1.63 12.44 2.72
CA GLU A 22 1.53 13.05 1.38
C GLU A 22 2.58 12.57 0.38
N ALA A 23 2.46 13.12 -0.84
CA ALA A 23 3.33 12.81 -1.97
C ALA A 23 4.81 12.72 -1.59
N GLU A 24 5.30 13.64 -0.78
CA GLU A 24 6.72 13.62 -0.40
C GLU A 24 7.11 12.24 0.13
N GLU A 25 6.40 11.79 1.16
CA GLU A 25 6.65 10.46 1.73
C GLU A 25 6.05 9.39 0.81
N ASP A 26 4.92 9.75 0.21
CA ASP A 26 4.18 8.86 -0.67
C ASP A 26 5.00 8.39 -1.87
N LEU A 27 5.92 9.21 -2.34
CA LEU A 27 6.71 8.87 -3.52
C LEU A 27 7.30 7.45 -3.40
N MET A 28 8.01 7.20 -2.32
CA MET A 28 8.56 5.88 -2.08
C MET A 28 7.40 4.92 -1.86
N ARG A 29 6.30 5.47 -1.34
CA ARG A 29 5.11 4.70 -1.08
C ARG A 29 4.37 4.39 -2.38
N ARG A 30 4.56 5.23 -3.40
CA ARG A 30 3.92 5.03 -4.68
C ARG A 30 4.16 3.60 -5.13
N ARG A 31 5.38 3.14 -4.84
CA ARG A 31 5.78 1.77 -5.18
C ARG A 31 5.08 0.75 -4.29
N ILE A 32 4.81 1.11 -3.03
CA ILE A 32 4.14 0.18 -2.12
C ILE A 32 2.67 0.23 -2.39
N TYR A 33 2.20 1.39 -2.75
CA TYR A 33 0.82 1.53 -3.06
C TYR A 33 0.41 0.64 -4.25
N ALA A 34 1.34 0.44 -5.18
CA ALA A 34 1.07 -0.37 -6.35
C ALA A 34 0.59 -1.76 -5.98
N GLU A 35 1.33 -2.40 -5.11
CA GLU A 35 0.97 -3.73 -4.64
C GLU A 35 -0.40 -3.73 -3.96
N SER A 36 -0.76 -2.60 -3.35
CA SER A 36 -2.02 -2.50 -2.63
C SER A 36 -3.20 -3.02 -3.44
N LYS A 37 -3.38 -2.49 -4.64
CA LYS A 37 -4.48 -2.97 -5.47
C LYS A 37 -4.30 -4.46 -5.73
N ALA A 38 -3.04 -4.87 -5.94
CA ALA A 38 -2.74 -6.28 -6.16
C ALA A 38 -3.37 -7.11 -5.06
N ARG A 39 -3.39 -6.51 -3.88
CA ARG A 39 -3.97 -7.11 -2.70
C ARG A 39 -5.48 -7.15 -2.80
N ILE A 40 -6.06 -6.16 -3.45
CA ILE A 40 -7.50 -6.11 -3.60
C ILE A 40 -7.95 -7.33 -4.38
N GLU A 41 -7.08 -7.75 -5.27
CA GLU A 41 -7.26 -8.96 -6.04
C GLU A 41 -7.08 -10.18 -5.12
N GLU A 42 -6.30 -9.94 -4.06
CA GLU A 42 -5.91 -10.95 -3.08
C GLU A 42 -7.06 -11.74 -2.46
N HIS A 43 -7.90 -11.06 -1.69
CA HIS A 43 -9.00 -11.71 -1.00
C HIS A 43 -10.21 -11.90 -1.89
N ASN A 44 -10.39 -10.98 -2.81
CA ASN A 44 -11.52 -11.03 -3.70
C ASN A 44 -11.49 -12.26 -4.57
N ARG A 45 -10.29 -12.75 -4.86
CA ARG A 45 -10.11 -13.95 -5.67
C ARG A 45 -10.13 -15.22 -4.80
N LYS A 46 -9.91 -15.01 -3.50
CA LYS A 46 -9.84 -16.10 -2.52
C LYS A 46 -11.18 -16.81 -2.26
N PHE A 47 -12.20 -16.06 -1.82
CA PHE A 47 -13.52 -16.66 -1.63
C PHE A 47 -13.98 -17.02 -2.99
N GLU A 48 -13.55 -16.17 -3.88
CA GLU A 48 -13.75 -16.33 -5.27
C GLU A 48 -13.31 -17.74 -5.68
N LYS A 49 -12.57 -18.37 -4.76
CA LYS A 49 -12.07 -19.72 -4.94
C LYS A 49 -12.91 -20.73 -4.17
N GLY A 50 -14.12 -20.33 -3.78
CA GLY A 50 -14.96 -21.23 -3.00
C GLY A 50 -14.17 -21.75 -1.83
N GLU A 51 -13.28 -20.87 -1.39
CA GLU A 51 -12.34 -21.15 -0.32
C GLU A 51 -12.89 -20.75 1.06
N VAL A 52 -13.17 -19.47 1.21
CA VAL A 52 -13.69 -18.89 2.44
C VAL A 52 -14.35 -17.62 2.04
N THR A 53 -14.97 -16.94 2.96
CA THR A 53 -15.47 -15.68 2.58
C THR A 53 -14.63 -14.60 3.26
N TRP A 54 -13.65 -14.14 2.51
CA TRP A 54 -12.73 -13.09 2.94
C TRP A 54 -12.43 -12.12 1.80
N LYS A 55 -12.62 -10.83 2.05
CA LYS A 55 -12.37 -9.80 1.05
C LYS A 55 -11.18 -8.95 1.40
N MET A 56 -10.64 -8.36 0.37
CA MET A 56 -9.49 -7.48 0.48
C MET A 56 -9.85 -6.28 1.37
N GLY A 57 -8.87 -5.42 1.65
CA GLY A 57 -9.16 -4.26 2.47
C GLY A 57 -8.09 -3.20 2.36
N ILE A 58 -7.13 -3.38 1.44
CA ILE A 58 -6.07 -2.42 1.26
C ILE A 58 -5.32 -2.30 2.55
N ASN A 59 -4.24 -3.03 2.68
CA ASN A 59 -3.52 -3.01 3.91
C ASN A 59 -2.90 -1.63 4.17
N HIS A 60 -2.74 -1.29 5.44
CA HIS A 60 -2.16 0.00 5.83
C HIS A 60 -0.81 0.23 5.14
N LEU A 61 0.10 -0.71 5.31
CA LEU A 61 1.40 -0.54 4.69
C LEU A 61 1.30 -0.63 3.20
N ALA A 62 0.14 -0.96 2.64
CA ALA A 62 0.04 -1.08 1.20
C ALA A 62 0.41 0.22 0.53
N ASP A 63 0.73 1.22 1.33
CA ASP A 63 1.16 2.48 0.82
C ASP A 63 2.53 2.70 1.34
N LEU A 64 2.82 2.11 2.49
CA LEU A 64 4.14 2.20 3.03
C LEU A 64 4.61 0.85 3.54
N THR A 65 5.30 0.17 2.69
CA THR A 65 5.87 -1.14 3.01
C THR A 65 7.36 -0.97 3.18
N PRO A 66 8.13 -2.05 3.46
CA PRO A 66 9.59 -2.00 3.55
C PRO A 66 10.16 -0.99 2.57
N GLU A 67 9.45 -0.82 1.44
CA GLU A 67 9.85 0.16 0.44
C GLU A 67 9.95 1.49 1.12
N GLU A 68 8.83 1.81 1.72
CA GLU A 68 8.65 3.01 2.50
C GLU A 68 9.29 2.86 3.88
N PHE A 69 8.94 1.75 4.50
CA PHE A 69 9.38 1.39 5.84
C PHE A 69 10.90 1.46 5.98
N ALA A 70 11.61 0.93 4.97
CA ALA A 70 13.07 0.92 4.99
C ALA A 70 13.65 2.25 4.52
N GLN A 71 12.96 2.92 3.60
CA GLN A 71 13.45 4.20 3.07
C GLN A 71 12.90 5.39 3.84
N ARG A 72 11.98 5.15 4.77
CA ARG A 72 11.40 6.22 5.57
C ARG A 72 12.27 6.46 6.80
N SER A 73 12.84 5.38 7.30
CA SER A 73 13.71 5.45 8.48
C SER A 73 14.14 4.06 8.93
N GLY A 74 14.52 3.22 7.96
CA GLY A 74 14.95 1.88 8.28
C GLY A 74 16.46 1.72 8.22
N LYS A 75 17.05 2.14 7.10
CA LYS A 75 18.49 2.05 6.92
C LYS A 75 19.16 3.40 7.12
N LYS A 76 20.32 3.39 7.77
CA LYS A 76 21.06 4.62 8.04
C LYS A 76 21.55 5.25 6.74
N VAL A 77 20.93 6.35 6.35
CA VAL A 77 21.31 7.05 5.12
C VAL A 77 22.04 8.35 5.44
N PRO A 78 23.35 8.42 5.14
CA PRO A 78 24.16 9.62 5.40
C PRO A 78 23.75 10.80 4.52
N PRO A 79 24.26 12.01 4.82
CA PRO A 79 23.94 13.21 4.04
C PRO A 79 24.54 13.18 2.65
N ASN A 80 25.66 12.48 2.52
CA ASN A 80 26.35 12.37 1.23
C ASN A 80 25.47 11.64 0.21
N MET A 1 1.84 3.73 -14.86
CA MET A 1 1.84 2.38 -15.46
C MET A 1 2.48 1.34 -14.53
N MET A 2 3.52 1.77 -13.83
CA MET A 2 4.23 0.89 -12.91
C MET A 2 3.79 1.15 -11.46
N SER A 3 3.38 2.38 -11.18
CA SER A 3 2.95 2.76 -9.85
C SER A 3 1.48 2.39 -9.63
N LEU A 4 0.67 2.62 -10.65
CA LEU A 4 -0.77 2.32 -10.60
C LEU A 4 -1.48 3.22 -9.60
N VAL A 5 -1.12 3.06 -8.32
CA VAL A 5 -1.76 3.83 -7.26
C VAL A 5 -0.88 4.94 -6.74
N SER A 6 -1.33 6.16 -6.95
CA SER A 6 -0.61 7.32 -6.47
C SER A 6 -1.14 7.75 -5.10
N ASP A 7 -0.44 8.69 -4.48
CA ASP A 7 -0.86 9.22 -3.19
C ASP A 7 -2.35 9.59 -3.20
N GLU A 8 -2.88 9.81 -4.40
CA GLU A 8 -4.28 10.18 -4.60
C GLU A 8 -5.24 9.23 -3.89
N GLU A 9 -5.15 7.95 -4.23
CA GLU A 9 -6.02 6.96 -3.64
C GLU A 9 -5.85 6.90 -2.13
N TRP A 10 -4.64 7.20 -1.65
CA TRP A 10 -4.37 7.15 -0.22
C TRP A 10 -4.76 8.42 0.54
N VAL A 11 -4.86 9.56 -0.14
CA VAL A 11 -5.22 10.80 0.53
C VAL A 11 -6.56 10.63 1.17
N GLU A 12 -7.46 10.08 0.38
CA GLU A 12 -8.78 9.84 0.85
C GLU A 12 -8.77 8.72 1.88
N TYR A 13 -7.82 7.79 1.69
CA TYR A 13 -7.69 6.63 2.58
C TYR A 13 -7.06 6.99 3.94
N LYS A 14 -5.91 7.67 3.91
CA LYS A 14 -5.20 8.04 5.13
C LYS A 14 -6.10 8.72 6.14
N SER A 15 -7.14 9.38 5.68
CA SER A 15 -8.07 10.05 6.57
C SER A 15 -8.86 8.98 7.27
N LYS A 16 -9.22 7.96 6.50
CA LYS A 16 -9.96 6.85 7.02
C LYS A 16 -9.03 5.82 7.66
N PHE A 17 -7.73 6.02 7.49
CA PHE A 17 -6.73 5.10 8.03
C PHE A 17 -5.99 5.72 9.21
N ASP A 18 -6.08 7.05 9.35
CA ASP A 18 -5.41 7.75 10.44
C ASP A 18 -3.91 7.87 10.20
N LYS A 19 -3.45 7.48 9.01
CA LYS A 19 -2.04 7.56 8.67
C LYS A 19 -1.86 8.46 7.45
N ASN A 20 -1.69 9.76 7.71
CA ASN A 20 -1.55 10.73 6.64
C ASN A 20 -0.09 10.96 6.22
N TYR A 21 0.15 10.81 4.93
CA TYR A 21 1.47 11.04 4.35
C TYR A 21 1.32 11.37 2.86
N GLU A 22 1.68 12.63 2.54
CA GLU A 22 1.57 13.19 1.20
C GLU A 22 2.61 12.66 0.21
N ALA A 23 2.49 13.15 -1.03
CA ALA A 23 3.36 12.78 -2.14
C ALA A 23 4.84 12.69 -1.75
N GLU A 24 5.34 13.66 -0.98
CA GLU A 24 6.75 13.64 -0.61
C GLU A 24 7.13 12.30 0.01
N GLU A 25 6.43 11.91 1.06
CA GLU A 25 6.66 10.63 1.72
C GLU A 25 6.08 9.51 0.87
N ASP A 26 4.98 9.83 0.20
CA ASP A 26 4.25 8.89 -0.64
C ASP A 26 5.04 8.42 -1.85
N LEU A 27 5.96 9.24 -2.33
CA LEU A 27 6.73 8.89 -3.51
C LEU A 27 7.31 7.48 -3.42
N MET A 28 8.03 7.22 -2.34
CA MET A 28 8.57 5.89 -2.11
C MET A 28 7.41 4.93 -1.87
N ARG A 29 6.33 5.48 -1.34
CA ARG A 29 5.14 4.72 -1.05
C ARG A 29 4.37 4.41 -2.34
N ARG A 30 4.53 5.25 -3.35
CA ARG A 30 3.86 5.05 -4.62
C ARG A 30 4.12 3.62 -5.09
N ARG A 31 5.33 3.17 -4.84
CA ARG A 31 5.74 1.82 -5.20
C ARG A 31 5.09 0.78 -4.28
N ILE A 32 4.86 1.12 -3.01
CA ILE A 32 4.23 0.18 -2.10
C ILE A 32 2.74 0.22 -2.34
N TYR A 33 2.27 1.38 -2.68
CA TYR A 33 0.87 1.52 -2.95
C TYR A 33 0.44 0.65 -4.14
N ALA A 34 1.35 0.48 -5.10
CA ALA A 34 1.05 -0.32 -6.28
C ALA A 34 0.57 -1.72 -5.92
N GLU A 35 1.33 -2.37 -5.07
CA GLU A 35 0.97 -3.71 -4.61
C GLU A 35 -0.38 -3.72 -3.90
N SER A 36 -0.72 -2.59 -3.27
CA SER A 36 -1.97 -2.49 -2.50
C SER A 36 -3.16 -3.00 -3.29
N LYS A 37 -3.39 -2.47 -4.48
CA LYS A 37 -4.51 -2.94 -5.29
C LYS A 37 -4.32 -4.41 -5.59
N ALA A 38 -3.07 -4.82 -5.79
CA ALA A 38 -2.77 -6.22 -6.05
C ALA A 38 -3.40 -7.08 -4.97
N ARG A 39 -3.47 -6.50 -3.80
CA ARG A 39 -4.06 -7.13 -2.63
C ARG A 39 -5.57 -7.19 -2.76
N ILE A 40 -6.15 -6.20 -3.42
CA ILE A 40 -7.58 -6.19 -3.60
C ILE A 40 -8.00 -7.44 -4.35
N GLU A 41 -7.09 -7.87 -5.22
CA GLU A 41 -7.25 -9.10 -5.98
C GLU A 41 -7.08 -10.29 -5.02
N GLU A 42 -6.34 -10.02 -3.93
CA GLU A 42 -5.97 -11.02 -2.93
C GLU A 42 -7.14 -11.81 -2.33
N HIS A 43 -8.01 -11.12 -1.61
CA HIS A 43 -9.13 -11.77 -0.96
C HIS A 43 -10.30 -11.98 -1.90
N ASN A 44 -10.44 -11.09 -2.85
CA ASN A 44 -11.54 -11.15 -3.78
C ASN A 44 -11.45 -12.40 -4.65
N ARG A 45 -10.23 -12.88 -4.86
CA ARG A 45 -10.01 -14.09 -5.64
C ARG A 45 -10.07 -15.33 -4.76
N LYS A 46 -9.93 -15.11 -3.46
CA LYS A 46 -9.89 -16.18 -2.45
C LYS A 46 -11.24 -16.89 -2.25
N PHE A 47 -12.29 -16.15 -1.88
CA PHE A 47 -13.62 -16.74 -1.74
C PHE A 47 -14.00 -17.13 -3.11
N GLU A 48 -13.53 -16.29 -4.00
CA GLU A 48 -13.66 -16.48 -5.40
C GLU A 48 -13.19 -17.89 -5.75
N LYS A 49 -12.49 -18.51 -4.79
CA LYS A 49 -11.98 -19.85 -4.92
C LYS A 49 -12.84 -20.85 -4.18
N GLY A 50 -14.08 -20.46 -3.85
CA GLY A 50 -14.95 -21.35 -3.10
C GLY A 50 -14.20 -21.83 -1.88
N GLU A 51 -13.35 -20.94 -1.40
CA GLU A 51 -12.47 -21.18 -0.29
C GLU A 51 -13.09 -20.75 1.05
N VAL A 52 -13.39 -19.46 1.16
CA VAL A 52 -13.97 -18.87 2.34
C VAL A 52 -14.61 -17.62 1.89
N THR A 53 -15.29 -16.93 2.77
CA THR A 53 -15.79 -15.68 2.34
C THR A 53 -15.00 -14.58 3.06
N TRP A 54 -13.97 -14.11 2.35
CA TRP A 54 -13.09 -13.05 2.82
C TRP A 54 -12.75 -12.08 1.70
N LYS A 55 -12.85 -10.78 1.98
CA LYS A 55 -12.55 -9.74 1.00
C LYS A 55 -11.36 -8.91 1.39
N MET A 56 -10.78 -8.32 0.37
CA MET A 56 -9.62 -7.47 0.52
C MET A 56 -9.97 -6.27 1.40
N GLY A 57 -8.98 -5.43 1.72
CA GLY A 57 -9.26 -4.27 2.53
C GLY A 57 -8.18 -3.22 2.42
N ILE A 58 -7.21 -3.42 1.52
CA ILE A 58 -6.14 -2.48 1.35
C ILE A 58 -5.35 -2.43 2.62
N ASN A 59 -4.19 -3.04 2.63
CA ASN A 59 -3.44 -3.06 3.84
C ASN A 59 -2.82 -1.69 4.13
N HIS A 60 -2.60 -1.40 5.42
CA HIS A 60 -2.02 -0.13 5.85
C HIS A 60 -0.68 0.13 5.18
N LEU A 61 0.26 -0.80 5.36
CA LEU A 61 1.56 -0.61 4.74
C LEU A 61 1.47 -0.70 3.25
N ALA A 62 0.30 -1.01 2.69
CA ALA A 62 0.21 -1.11 1.25
C ALA A 62 0.57 0.20 0.60
N ASP A 63 0.90 1.18 1.42
CA ASP A 63 1.33 2.45 0.93
C ASP A 63 2.70 2.66 1.43
N LEU A 64 3.00 2.05 2.57
CA LEU A 64 4.31 2.15 3.10
C LEU A 64 4.80 0.80 3.60
N THR A 65 5.49 0.14 2.74
CA THR A 65 6.08 -1.16 3.04
C THR A 65 7.57 -0.97 3.20
N PRO A 66 8.34 -2.04 3.46
CA PRO A 66 9.80 -1.96 3.54
C PRO A 66 10.35 -0.93 2.56
N GLU A 67 9.63 -0.77 1.44
CA GLU A 67 9.99 0.22 0.44
C GLU A 67 10.07 1.56 1.13
N GLU A 68 8.93 1.85 1.73
CA GLU A 68 8.73 3.05 2.51
C GLU A 68 9.39 2.92 3.88
N PHE A 69 9.07 1.79 4.51
CA PHE A 69 9.54 1.46 5.84
C PHE A 69 11.07 1.57 5.96
N ALA A 70 11.77 1.07 4.95
CA ALA A 70 13.23 1.10 4.93
C ALA A 70 13.78 2.45 4.46
N GLN A 71 13.04 3.12 3.57
CA GLN A 71 13.48 4.39 3.02
C GLN A 71 12.90 5.59 3.78
N ARG A 72 11.99 5.31 4.72
CA ARG A 72 11.39 6.38 5.51
C ARG A 72 12.24 6.65 6.74
N SER A 73 12.85 5.59 7.26
CA SER A 73 13.71 5.69 8.42
C SER A 73 14.20 4.33 8.87
N GLY A 74 14.61 3.51 7.89
CA GLY A 74 15.10 2.18 8.20
C GLY A 74 16.61 2.09 8.11
N LYS A 75 17.15 2.37 6.92
CA LYS A 75 18.59 2.33 6.70
C LYS A 75 19.16 3.73 6.49
N LYS A 76 18.28 4.67 6.15
CA LYS A 76 18.70 6.05 5.91
C LYS A 76 19.57 6.15 4.66
N VAL A 77 19.43 7.26 3.94
CA VAL A 77 20.22 7.48 2.73
C VAL A 77 21.43 8.38 3.02
N PRO A 78 22.53 8.17 2.26
CA PRO A 78 23.75 8.96 2.43
C PRO A 78 23.49 10.46 2.37
N PRO A 79 23.84 11.21 3.44
CA PRO A 79 23.63 12.66 3.49
C PRO A 79 24.21 13.37 2.27
N ASN A 80 25.48 13.12 1.99
CA ASN A 80 26.16 13.74 0.85
C ASN A 80 27.11 12.75 0.20
N MET A 1 4.89 -1.37 -13.78
CA MET A 1 3.48 -1.63 -13.35
C MET A 1 3.34 -1.47 -11.84
N MET A 2 4.10 -0.55 -11.27
CA MET A 2 4.06 -0.30 -9.83
C MET A 2 3.42 1.06 -9.52
N SER A 3 3.13 1.84 -10.56
CA SER A 3 2.53 3.16 -10.38
C SER A 3 1.00 3.09 -10.49
N LEU A 4 0.44 1.90 -10.36
CA LEU A 4 -1.01 1.72 -10.45
C LEU A 4 -1.72 2.52 -9.37
N VAL A 5 -1.18 2.47 -8.16
CA VAL A 5 -1.79 3.15 -7.04
C VAL A 5 -0.94 4.29 -6.50
N SER A 6 -1.38 5.50 -6.80
CA SER A 6 -0.69 6.69 -6.31
C SER A 6 -1.31 7.18 -5.02
N ASP A 7 -0.72 8.22 -4.44
CA ASP A 7 -1.23 8.80 -3.21
C ASP A 7 -2.74 9.05 -3.29
N GLU A 8 -3.25 9.15 -4.52
CA GLU A 8 -4.67 9.41 -4.76
C GLU A 8 -5.57 8.45 -3.99
N GLU A 9 -5.41 7.16 -4.24
CA GLU A 9 -6.23 6.17 -3.58
C GLU A 9 -5.97 6.16 -2.08
N TRP A 10 -4.76 6.55 -1.67
CA TRP A 10 -4.41 6.56 -0.26
C TRP A 10 -4.84 7.82 0.48
N VAL A 11 -5.04 8.93 -0.22
CA VAL A 11 -5.43 10.15 0.46
C VAL A 11 -6.77 9.92 1.11
N GLU A 12 -7.66 9.30 0.37
CA GLU A 12 -8.95 9.01 0.91
C GLU A 12 -8.79 8.08 2.11
N TYR A 13 -7.76 7.25 2.01
CA TYR A 13 -7.39 6.30 3.06
C TYR A 13 -6.70 6.97 4.24
N LYS A 14 -5.91 8.00 3.96
CA LYS A 14 -5.16 8.71 4.98
C LYS A 14 -6.03 9.07 6.18
N SER A 15 -7.21 9.62 5.93
CA SER A 15 -8.12 9.97 6.98
C SER A 15 -8.74 8.72 7.54
N LYS A 16 -9.04 7.80 6.63
CA LYS A 16 -9.67 6.56 6.98
C LYS A 16 -8.71 5.63 7.71
N PHE A 17 -7.44 6.00 7.77
CA PHE A 17 -6.43 5.15 8.44
C PHE A 17 -5.71 5.90 9.56
N ASP A 18 -5.99 7.19 9.71
CA ASP A 18 -5.34 8.00 10.74
C ASP A 18 -3.85 8.20 10.45
N LYS A 19 -3.42 7.77 9.26
CA LYS A 19 -2.03 7.92 8.85
C LYS A 19 -1.99 8.68 7.52
N ASN A 20 -1.93 10.00 7.61
CA ASN A 20 -1.93 10.84 6.43
C ASN A 20 -0.53 11.21 5.94
N TYR A 21 -0.15 10.65 4.80
CA TYR A 21 1.14 10.96 4.20
C TYR A 21 0.94 11.16 2.68
N GLU A 22 1.17 12.41 2.28
CA GLU A 22 1.00 12.88 0.89
C GLU A 22 2.07 12.43 -0.08
N ALA A 23 1.89 12.86 -1.34
CA ALA A 23 2.77 12.53 -2.45
C ALA A 23 4.25 12.59 -2.10
N GLU A 24 4.68 13.59 -1.34
CA GLU A 24 6.10 13.69 -0.98
C GLU A 24 6.60 12.38 -0.40
N GLU A 25 5.96 11.93 0.67
CA GLU A 25 6.30 10.65 1.29
C GLU A 25 5.77 9.50 0.45
N ASP A 26 4.59 9.75 -0.12
CA ASP A 26 3.88 8.78 -0.95
C ASP A 26 4.69 8.31 -2.16
N LEU A 27 5.57 9.16 -2.65
CA LEU A 27 6.35 8.84 -3.83
C LEU A 27 6.98 7.45 -3.73
N MET A 28 7.73 7.23 -2.66
CA MET A 28 8.34 5.93 -2.44
C MET A 28 7.24 4.93 -2.06
N ARG A 29 6.16 5.47 -1.52
CA ARG A 29 5.02 4.67 -1.12
C ARG A 29 4.22 4.21 -2.34
N ARG A 30 4.23 5.02 -3.39
CA ARG A 30 3.50 4.67 -4.60
C ARG A 30 3.91 3.27 -5.02
N ARG A 31 5.17 2.95 -4.75
CA ARG A 31 5.71 1.63 -5.04
C ARG A 31 5.14 0.57 -4.09
N ILE A 32 4.88 0.97 -2.84
CA ILE A 32 4.32 0.03 -1.88
C ILE A 32 2.83 -0.06 -2.10
N TYR A 33 2.28 1.04 -2.50
CA TYR A 33 0.88 1.09 -2.79
C TYR A 33 0.53 0.18 -3.96
N ALA A 34 1.48 0.01 -4.87
CA ALA A 34 1.26 -0.82 -6.05
C ALA A 34 0.85 -2.23 -5.68
N GLU A 35 1.60 -2.83 -4.78
CA GLU A 35 1.31 -4.18 -4.32
C GLU A 35 -0.07 -4.26 -3.68
N SER A 36 -0.51 -3.17 -3.07
CA SER A 36 -1.79 -3.13 -2.37
C SER A 36 -2.90 -3.70 -3.25
N LYS A 37 -3.07 -3.17 -4.45
CA LYS A 37 -4.09 -3.69 -5.36
C LYS A 37 -3.85 -5.17 -5.58
N ALA A 38 -2.58 -5.55 -5.75
CA ALA A 38 -2.23 -6.95 -5.91
C ALA A 38 -2.83 -7.71 -4.76
N ARG A 39 -2.72 -7.10 -3.59
CA ARG A 39 -3.28 -7.60 -2.37
C ARG A 39 -4.79 -7.47 -2.40
N ILE A 40 -5.27 -6.43 -3.05
CA ILE A 40 -6.70 -6.23 -3.14
C ILE A 40 -7.29 -7.34 -3.98
N GLU A 41 -6.49 -7.77 -4.93
CA GLU A 41 -6.82 -8.91 -5.78
C GLU A 41 -6.78 -10.18 -4.93
N GLU A 42 -5.99 -10.09 -3.85
CA GLU A 42 -5.73 -11.19 -2.93
C GLU A 42 -6.97 -11.88 -2.36
N HIS A 43 -7.74 -11.16 -1.59
CA HIS A 43 -8.94 -11.72 -0.96
C HIS A 43 -10.12 -11.72 -1.89
N ASN A 44 -10.15 -10.76 -2.80
CA ASN A 44 -11.25 -10.63 -3.72
C ASN A 44 -11.32 -11.83 -4.66
N ARG A 45 -10.17 -12.42 -4.94
CA ARG A 45 -10.11 -13.59 -5.82
C ARG A 45 -10.28 -14.89 -5.01
N LYS A 46 -10.12 -14.76 -3.70
CA LYS A 46 -10.19 -15.89 -2.77
C LYS A 46 -11.60 -16.49 -2.60
N PHE A 47 -12.57 -15.67 -2.17
CA PHE A 47 -13.95 -16.14 -2.07
C PHE A 47 -14.38 -16.38 -3.45
N GLU A 48 -13.82 -15.52 -4.29
CA GLU A 48 -13.99 -15.58 -5.69
C GLU A 48 -13.66 -17.00 -6.16
N LYS A 49 -13.02 -17.75 -5.25
CA LYS A 49 -12.64 -19.13 -5.50
C LYS A 49 -13.60 -20.10 -4.82
N GLY A 50 -14.80 -19.60 -4.46
CA GLY A 50 -15.75 -20.46 -3.76
C GLY A 50 -15.06 -21.12 -2.60
N GLU A 51 -14.10 -20.36 -2.07
CA GLU A 51 -13.25 -20.79 -0.99
C GLU A 51 -13.81 -20.43 0.38
N VAL A 52 -13.97 -19.13 0.61
CA VAL A 52 -14.48 -18.59 1.85
C VAL A 52 -15.00 -17.24 1.52
N THR A 53 -15.57 -16.55 2.45
CA THR A 53 -15.93 -15.21 2.14
C THR A 53 -15.01 -14.28 2.91
N TRP A 54 -13.94 -13.89 2.23
CA TRP A 54 -12.93 -12.97 2.75
C TRP A 54 -12.49 -11.97 1.67
N LYS A 55 -12.57 -10.68 2.00
CA LYS A 55 -12.17 -9.62 1.07
C LYS A 55 -10.95 -8.90 1.53
N MET A 56 -10.31 -8.29 0.55
CA MET A 56 -9.10 -7.52 0.78
C MET A 56 -9.43 -6.33 1.69
N GLY A 57 -8.42 -5.55 2.08
CA GLY A 57 -8.69 -4.41 2.93
C GLY A 57 -7.62 -3.35 2.82
N ILE A 58 -6.68 -3.52 1.89
CA ILE A 58 -5.63 -2.54 1.70
C ILE A 58 -4.90 -2.38 3.00
N ASN A 59 -3.83 -3.11 3.16
CA ASN A 59 -3.13 -3.04 4.42
C ASN A 59 -2.52 -1.66 4.64
N HIS A 60 -2.30 -1.33 5.92
CA HIS A 60 -1.73 -0.03 6.31
C HIS A 60 -0.43 0.23 5.57
N LEU A 61 0.53 -0.66 5.70
CA LEU A 61 1.80 -0.47 5.04
C LEU A 61 1.67 -0.64 3.56
N ALA A 62 0.50 -1.05 3.05
CA ALA A 62 0.39 -1.24 1.63
C ALA A 62 0.66 0.04 0.88
N ASP A 63 0.97 1.09 1.62
CA ASP A 63 1.30 2.35 1.04
C ASP A 63 2.68 2.66 1.50
N LEU A 64 3.03 2.14 2.67
CA LEU A 64 4.36 2.33 3.17
C LEU A 64 4.90 1.05 3.75
N THR A 65 5.61 0.36 2.92
CA THR A 65 6.25 -0.90 3.30
C THR A 65 7.74 -0.65 3.43
N PRO A 66 8.57 -1.67 3.75
CA PRO A 66 10.03 -1.54 3.81
C PRO A 66 10.51 -0.55 2.75
N GLU A 67 9.78 -0.49 1.64
CA GLU A 67 10.11 0.44 0.57
C GLU A 67 10.14 1.82 1.17
N GLU A 68 9.01 2.12 1.78
CA GLU A 68 8.78 3.36 2.49
C GLU A 68 9.46 3.33 3.85
N PHE A 69 9.18 2.23 4.56
CA PHE A 69 9.68 1.99 5.89
C PHE A 69 11.19 2.16 5.98
N ALA A 70 11.91 1.51 5.07
CA ALA A 70 13.37 1.58 5.05
C ALA A 70 13.87 2.85 4.36
N GLN A 71 13.06 3.41 3.46
CA GLN A 71 13.46 4.61 2.73
C GLN A 71 12.93 5.89 3.39
N ARG A 72 12.08 5.74 4.39
CA ARG A 72 11.52 6.89 5.08
C ARG A 72 12.44 7.30 6.22
N SER A 73 13.09 6.30 6.81
CA SER A 73 14.02 6.53 7.91
C SER A 73 14.44 5.20 8.54
N GLY A 74 14.99 4.31 7.73
CA GLY A 74 15.43 3.02 8.22
C GLY A 74 16.87 2.71 7.86
N LYS A 75 17.26 3.03 6.63
CA LYS A 75 18.61 2.79 6.15
C LYS A 75 18.94 1.30 6.19
N LYS A 76 19.19 0.73 5.01
CA LYS A 76 19.52 -0.68 4.91
C LYS A 76 19.86 -1.06 3.46
N VAL A 77 20.83 -1.93 3.29
CA VAL A 77 21.25 -2.37 1.96
C VAL A 77 20.26 -3.37 1.37
N PRO A 78 19.91 -3.22 0.08
CA PRO A 78 18.97 -4.12 -0.59
C PRO A 78 19.38 -5.58 -0.48
N PRO A 79 18.50 -6.52 -0.86
CA PRO A 79 18.79 -7.95 -0.80
C PRO A 79 19.88 -8.37 -1.79
N ASN A 80 20.01 -7.62 -2.86
CA ASN A 80 21.01 -7.89 -3.88
C ASN A 80 22.13 -6.85 -3.86
N MET A 1 1.16 6.41 -14.37
CA MET A 1 1.27 5.00 -14.82
C MET A 1 2.63 4.42 -14.47
N MET A 2 3.23 4.91 -13.39
CA MET A 2 4.54 4.44 -12.96
C MET A 2 4.41 3.44 -11.82
N SER A 3 3.54 3.75 -10.87
CA SER A 3 3.32 2.88 -9.71
C SER A 3 1.84 2.49 -9.59
N LEU A 4 1.08 2.70 -10.66
CA LEU A 4 -0.35 2.38 -10.68
C LEU A 4 -1.12 3.20 -9.68
N VAL A 5 -0.85 2.95 -8.40
CA VAL A 5 -1.54 3.64 -7.31
C VAL A 5 -0.70 4.73 -6.71
N SER A 6 -1.11 5.97 -6.94
CA SER A 6 -0.43 7.12 -6.39
C SER A 6 -1.07 7.55 -5.08
N ASP A 7 -0.44 8.53 -4.43
CA ASP A 7 -0.96 9.08 -3.17
C ASP A 7 -2.45 9.43 -3.29
N GLU A 8 -2.91 9.61 -4.53
CA GLU A 8 -4.30 9.97 -4.81
C GLU A 8 -5.30 9.06 -4.11
N GLU A 9 -5.21 7.77 -4.39
CA GLU A 9 -6.12 6.81 -3.78
C GLU A 9 -5.87 6.70 -2.28
N TRP A 10 -4.63 6.98 -1.87
CA TRP A 10 -4.28 6.87 -0.46
C TRP A 10 -4.62 8.12 0.36
N VAL A 11 -4.76 9.28 -0.29
CA VAL A 11 -5.08 10.48 0.45
C VAL A 11 -6.46 10.34 1.03
N GLU A 12 -7.35 9.81 0.22
CA GLU A 12 -8.70 9.60 0.67
C GLU A 12 -8.68 8.60 1.82
N TYR A 13 -7.71 7.70 1.76
CA TYR A 13 -7.52 6.66 2.76
C TYR A 13 -6.89 7.20 4.06
N LYS A 14 -5.86 8.04 3.90
CA LYS A 14 -5.15 8.61 5.05
C LYS A 14 -6.10 9.21 6.08
N SER A 15 -7.22 9.76 5.62
CA SER A 15 -8.20 10.35 6.49
C SER A 15 -8.94 9.24 7.22
N LYS A 16 -9.27 8.21 6.44
CA LYS A 16 -9.99 7.09 6.97
C LYS A 16 -9.09 6.10 7.69
N PHE A 17 -7.78 6.31 7.60
CA PHE A 17 -6.82 5.41 8.24
C PHE A 17 -6.06 6.09 9.38
N ASP A 18 -6.23 7.40 9.52
CA ASP A 18 -5.54 8.16 10.57
C ASP A 18 -4.03 8.19 10.34
N LYS A 19 -3.59 7.69 9.18
CA LYS A 19 -2.16 7.68 8.83
C LYS A 19 -1.96 8.54 7.59
N ASN A 20 -1.80 9.85 7.81
CA ASN A 20 -1.64 10.78 6.71
C ASN A 20 -0.19 10.99 6.27
N TYR A 21 0.04 10.72 4.99
CA TYR A 21 1.35 10.94 4.39
C TYR A 21 1.18 11.12 2.88
N GLU A 22 1.48 12.35 2.45
CA GLU A 22 1.33 12.84 1.06
C GLU A 22 2.44 12.38 0.12
N ALA A 23 2.28 12.82 -1.14
CA ALA A 23 3.19 12.50 -2.24
C ALA A 23 4.66 12.55 -1.86
N GLU A 24 5.09 13.54 -1.08
CA GLU A 24 6.49 13.63 -0.70
C GLU A 24 6.98 12.31 -0.12
N GLU A 25 6.32 11.85 0.93
CA GLU A 25 6.63 10.57 1.54
C GLU A 25 6.08 9.44 0.67
N ASP A 26 4.90 9.70 0.12
CA ASP A 26 4.17 8.76 -0.73
C ASP A 26 4.97 8.29 -1.94
N LEU A 27 5.86 9.13 -2.44
CA LEU A 27 6.62 8.79 -3.64
C LEU A 27 7.22 7.39 -3.54
N MET A 28 7.98 7.16 -2.48
CA MET A 28 8.55 5.84 -2.26
C MET A 28 7.41 4.86 -1.99
N ARG A 29 6.34 5.41 -1.42
CA ARG A 29 5.15 4.64 -1.12
C ARG A 29 4.39 4.30 -2.40
N ARG A 30 4.58 5.12 -3.44
CA ARG A 30 3.91 4.88 -4.71
C ARG A 30 4.15 3.45 -5.12
N ARG A 31 5.35 2.97 -4.82
CA ARG A 31 5.75 1.61 -5.12
C ARG A 31 5.05 0.61 -4.19
N ILE A 32 4.80 1.00 -2.94
CA ILE A 32 4.14 0.11 -2.01
C ILE A 32 2.66 0.15 -2.27
N TYR A 33 2.19 1.30 -2.64
CA TYR A 33 0.79 1.44 -2.95
C TYR A 33 0.39 0.53 -4.11
N ALA A 34 1.31 0.31 -5.05
CA ALA A 34 1.03 -0.53 -6.20
C ALA A 34 0.54 -1.91 -5.80
N GLU A 35 1.28 -2.54 -4.92
CA GLU A 35 0.92 -3.87 -4.43
C GLU A 35 -0.46 -3.86 -3.77
N SER A 36 -0.84 -2.71 -3.18
CA SER A 36 -2.10 -2.60 -2.47
C SER A 36 -3.27 -3.14 -3.30
N LYS A 37 -3.43 -2.63 -4.50
CA LYS A 37 -4.51 -3.12 -5.36
C LYS A 37 -4.33 -4.62 -5.59
N ALA A 38 -3.07 -5.03 -5.80
CA ALA A 38 -2.78 -6.45 -6.00
C ALA A 38 -3.38 -7.24 -4.85
N ARG A 39 -3.32 -6.63 -3.69
CA ARG A 39 -3.86 -7.19 -2.46
C ARG A 39 -5.37 -7.16 -2.50
N ILE A 40 -5.93 -6.16 -3.16
CA ILE A 40 -7.37 -6.04 -3.25
C ILE A 40 -7.88 -7.18 -4.10
N GLU A 41 -7.07 -7.55 -5.06
CA GLU A 41 -7.33 -8.68 -5.93
C GLU A 41 -7.13 -9.97 -5.13
N GLU A 42 -6.30 -9.84 -4.09
CA GLU A 42 -5.89 -10.92 -3.21
C GLU A 42 -7.03 -11.74 -2.58
N HIS A 43 -7.80 -11.09 -1.74
CA HIS A 43 -8.90 -11.76 -1.04
C HIS A 43 -10.14 -11.86 -1.89
N ASN A 44 -10.33 -10.89 -2.75
CA ASN A 44 -11.50 -10.86 -3.59
C ASN A 44 -11.54 -12.03 -4.54
N ARG A 45 -10.37 -12.52 -4.91
CA ARG A 45 -10.27 -13.67 -5.80
C ARG A 45 -10.28 -14.99 -5.01
N LYS A 46 -10.02 -14.87 -3.71
CA LYS A 46 -9.93 -16.01 -2.80
C LYS A 46 -11.26 -16.71 -2.52
N PHE A 47 -12.26 -15.99 -2.01
CA PHE A 47 -13.57 -16.58 -1.80
C PHE A 47 -14.10 -16.84 -3.16
N GLU A 48 -13.69 -15.93 -4.01
CA GLU A 48 -13.96 -15.99 -5.41
C GLU A 48 -13.56 -17.38 -5.93
N LYS A 49 -12.77 -18.08 -5.09
CA LYS A 49 -12.31 -19.42 -5.41
C LYS A 49 -13.11 -20.47 -4.66
N GLY A 50 -14.30 -20.09 -4.18
CA GLY A 50 -15.11 -21.04 -3.41
C GLY A 50 -14.25 -21.64 -2.32
N GLU A 51 -13.34 -20.80 -1.87
CA GLU A 51 -12.35 -21.16 -0.88
C GLU A 51 -12.82 -20.86 0.55
N VAL A 52 -13.08 -19.59 0.81
CA VAL A 52 -13.53 -19.10 2.10
C VAL A 52 -14.19 -17.81 1.84
N THR A 53 -14.76 -17.19 2.83
CA THR A 53 -15.26 -15.89 2.58
C THR A 53 -14.37 -14.88 3.30
N TRP A 54 -13.41 -14.38 2.52
CA TRP A 54 -12.46 -13.37 2.98
C TRP A 54 -12.21 -12.32 1.90
N LYS A 55 -12.33 -11.06 2.25
CA LYS A 55 -12.10 -9.95 1.31
C LYS A 55 -10.90 -9.13 1.68
N MET A 56 -10.40 -8.47 0.67
CA MET A 56 -9.24 -7.60 0.81
C MET A 56 -9.58 -6.46 1.77
N GLY A 57 -8.60 -5.61 2.08
CA GLY A 57 -8.87 -4.50 2.96
C GLY A 57 -7.88 -3.38 2.80
N ILE A 58 -6.98 -3.49 1.82
CA ILE A 58 -5.98 -2.45 1.59
C ILE A 58 -5.23 -2.25 2.87
N ASN A 59 -4.16 -3.00 3.04
CA ASN A 59 -3.44 -2.89 4.27
C ASN A 59 -2.82 -1.49 4.43
N HIS A 60 -2.69 -1.06 5.69
CA HIS A 60 -2.13 0.26 5.99
C HIS A 60 -0.77 0.45 5.30
N LEU A 61 0.11 -0.51 5.47
CA LEU A 61 1.41 -0.39 4.84
C LEU A 61 1.32 -0.54 3.35
N ALA A 62 0.14 -0.87 2.81
CA ALA A 62 0.06 -1.04 1.37
C ALA A 62 0.43 0.24 0.67
N ASP A 63 0.77 1.26 1.44
CA ASP A 63 1.19 2.50 0.90
C ASP A 63 2.58 2.72 1.40
N LEU A 64 2.87 2.17 2.56
CA LEU A 64 4.20 2.26 3.09
C LEU A 64 4.66 0.94 3.65
N THR A 65 5.33 0.22 2.80
CA THR A 65 5.89 -1.08 3.17
C THR A 65 7.39 -0.93 3.32
N PRO A 66 8.15 -2.01 3.63
CA PRO A 66 9.61 -1.97 3.71
C PRO A 66 10.18 -1.00 2.69
N GLU A 67 9.46 -0.85 1.56
CA GLU A 67 9.87 0.08 0.53
C GLU A 67 9.98 1.44 1.18
N GLU A 68 8.86 1.78 1.77
CA GLU A 68 8.70 3.01 2.50
C GLU A 68 9.36 2.90 3.87
N PHE A 69 9.00 1.81 4.54
CA PHE A 69 9.46 1.51 5.89
C PHE A 69 10.99 1.58 6.00
N ALA A 70 11.67 0.92 5.07
CA ALA A 70 13.13 0.90 5.07
C ALA A 70 13.74 2.15 4.41
N GLN A 71 12.95 2.82 3.58
CA GLN A 71 13.42 4.02 2.88
C GLN A 71 12.94 5.30 3.56
N ARG A 72 12.05 5.18 4.55
CA ARG A 72 11.54 6.33 5.27
C ARG A 72 12.46 6.65 6.44
N SER A 73 13.04 5.59 6.99
CA SER A 73 13.96 5.73 8.11
C SER A 73 14.52 4.37 8.53
N GLY A 74 14.92 3.58 7.55
CA GLY A 74 15.47 2.26 7.83
C GLY A 74 16.50 1.83 6.79
N LYS A 75 17.25 2.79 6.27
CA LYS A 75 18.27 2.50 5.27
C LYS A 75 19.53 1.93 5.92
N LYS A 76 20.34 2.82 6.50
CA LYS A 76 21.57 2.41 7.16
C LYS A 76 21.66 2.99 8.57
N VAL A 77 20.94 2.37 9.50
CA VAL A 77 20.92 2.83 10.89
C VAL A 77 20.68 1.67 11.85
N PRO A 78 21.01 1.84 13.13
CA PRO A 78 20.83 0.79 14.15
C PRO A 78 19.38 0.30 14.23
N PRO A 79 18.40 1.23 14.28
CA PRO A 79 16.98 0.87 14.36
C PRO A 79 16.54 0.00 13.18
N ASN A 80 15.78 -1.05 13.48
CA ASN A 80 15.29 -1.95 12.45
C ASN A 80 14.12 -1.33 11.69
N MET A 1 -1.90 6.62 -10.92
CA MET A 1 -1.47 7.88 -11.59
C MET A 1 -0.11 7.71 -12.25
N MET A 2 0.92 7.50 -11.43
CA MET A 2 2.28 7.32 -11.93
C MET A 2 2.44 5.97 -12.60
N SER A 3 2.25 4.90 -11.83
CA SER A 3 2.38 3.54 -12.36
C SER A 3 1.09 2.77 -12.17
N LEU A 4 0.49 2.88 -10.99
CA LEU A 4 -0.76 2.19 -10.70
C LEU A 4 -1.53 2.90 -9.60
N VAL A 5 -1.01 2.83 -8.39
CA VAL A 5 -1.67 3.44 -7.24
C VAL A 5 -0.87 4.57 -6.64
N SER A 6 -1.34 5.79 -6.88
CA SER A 6 -0.69 6.96 -6.33
C SER A 6 -1.37 7.37 -5.02
N ASP A 7 -0.77 8.33 -4.33
CA ASP A 7 -1.32 8.83 -3.07
C ASP A 7 -2.83 9.09 -3.18
N GLU A 8 -3.31 9.25 -4.41
CA GLU A 8 -4.72 9.53 -4.67
C GLU A 8 -5.65 8.52 -3.99
N GLU A 9 -5.48 7.25 -4.30
CA GLU A 9 -6.31 6.22 -3.71
C GLU A 9 -6.05 6.09 -2.21
N TRP A 10 -4.85 6.45 -1.79
CA TRP A 10 -4.47 6.36 -0.39
C TRP A 10 -4.90 7.56 0.44
N VAL A 11 -5.12 8.72 -0.18
CA VAL A 11 -5.51 9.89 0.57
C VAL A 11 -6.87 9.66 1.15
N GLU A 12 -7.72 9.03 0.36
CA GLU A 12 -9.03 8.73 0.84
C GLU A 12 -8.89 7.86 2.09
N TYR A 13 -7.84 7.07 2.08
CA TYR A 13 -7.49 6.17 3.18
C TYR A 13 -6.88 6.92 4.36
N LYS A 14 -5.95 7.82 4.04
CA LYS A 14 -5.24 8.60 5.06
C LYS A 14 -6.19 9.25 6.06
N SER A 15 -7.38 9.62 5.60
CA SER A 15 -8.38 10.23 6.45
C SER A 15 -8.96 9.17 7.35
N LYS A 16 -9.19 8.02 6.75
CA LYS A 16 -9.77 6.91 7.47
C LYS A 16 -8.71 6.14 8.26
N PHE A 17 -7.44 6.47 8.06
CA PHE A 17 -6.35 5.80 8.75
C PHE A 17 -5.75 6.65 9.86
N ASP A 18 -6.02 7.95 9.84
CA ASP A 18 -5.49 8.87 10.85
C ASP A 18 -3.99 9.10 10.64
N LYS A 19 -3.46 8.60 9.53
CA LYS A 19 -2.05 8.77 9.21
C LYS A 19 -1.92 9.18 7.75
N ASN A 20 -1.88 10.49 7.52
CA ASN A 20 -1.81 11.02 6.16
C ASN A 20 -0.39 11.42 5.75
N TYR A 21 0.18 10.66 4.82
CA TYR A 21 1.51 10.96 4.29
C TYR A 21 1.37 11.27 2.80
N GLU A 22 1.64 12.55 2.49
CA GLU A 22 1.53 13.12 1.15
C GLU A 22 2.55 12.61 0.13
N ALA A 23 2.40 13.12 -1.09
CA ALA A 23 3.24 12.77 -2.24
C ALA A 23 4.73 12.66 -1.89
N GLU A 24 5.25 13.61 -1.12
CA GLU A 24 6.67 13.57 -0.77
C GLU A 24 7.06 12.22 -0.20
N GLU A 25 6.37 11.80 0.84
CA GLU A 25 6.60 10.50 1.45
C GLU A 25 6.00 9.40 0.59
N ASP A 26 4.87 9.75 -0.04
CA ASP A 26 4.12 8.83 -0.90
C ASP A 26 4.92 8.33 -2.09
N LEU A 27 5.83 9.14 -2.60
CA LEU A 27 6.61 8.77 -3.78
C LEU A 27 7.21 7.37 -3.63
N MET A 28 7.94 7.16 -2.55
CA MET A 28 8.51 5.84 -2.29
C MET A 28 7.36 4.89 -1.99
N ARG A 29 6.29 5.44 -1.47
CA ARG A 29 5.10 4.67 -1.15
C ARG A 29 4.34 4.30 -2.41
N ARG A 30 4.51 5.09 -3.47
CA ARG A 30 3.84 4.83 -4.72
C ARG A 30 4.10 3.39 -5.12
N ARG A 31 5.33 2.96 -4.84
CA ARG A 31 5.75 1.59 -5.13
C ARG A 31 5.08 0.59 -4.17
N ILE A 32 4.86 0.99 -2.92
CA ILE A 32 4.23 0.09 -1.97
C ILE A 32 2.75 0.10 -2.21
N TYR A 33 2.26 1.23 -2.60
CA TYR A 33 0.86 1.34 -2.89
C TYR A 33 0.49 0.40 -4.04
N ALA A 34 1.44 0.16 -4.95
CA ALA A 34 1.20 -0.71 -6.09
C ALA A 34 0.66 -2.05 -5.67
N GLU A 35 1.34 -2.65 -4.71
CA GLU A 35 0.92 -3.95 -4.18
C GLU A 35 -0.51 -3.90 -3.62
N SER A 36 -0.93 -2.73 -3.13
CA SER A 36 -2.26 -2.60 -2.51
C SER A 36 -3.32 -3.23 -3.39
N LYS A 37 -3.40 -2.80 -4.64
CA LYS A 37 -4.39 -3.39 -5.54
C LYS A 37 -4.13 -4.87 -5.69
N ALA A 38 -2.86 -5.25 -5.79
CA ALA A 38 -2.49 -6.66 -5.88
C ALA A 38 -3.13 -7.41 -4.72
N ARG A 39 -3.12 -6.73 -3.59
CA ARG A 39 -3.70 -7.24 -2.37
C ARG A 39 -5.21 -7.22 -2.47
N ILE A 40 -5.73 -6.24 -3.19
CA ILE A 40 -7.18 -6.13 -3.34
C ILE A 40 -7.66 -7.29 -4.18
N GLU A 41 -6.80 -7.69 -5.09
CA GLU A 41 -7.03 -8.86 -5.93
C GLU A 41 -6.90 -10.12 -5.07
N GLU A 42 -6.13 -9.96 -3.99
CA GLU A 42 -5.80 -11.03 -3.05
C GLU A 42 -6.99 -11.81 -2.48
N HIS A 43 -7.81 -11.13 -1.70
CA HIS A 43 -8.96 -11.76 -1.07
C HIS A 43 -10.14 -11.87 -2.00
N ASN A 44 -10.26 -10.89 -2.87
CA ASN A 44 -11.38 -10.84 -3.78
C ASN A 44 -11.38 -12.04 -4.71
N ARG A 45 -10.21 -12.59 -4.97
CA ARG A 45 -10.07 -13.78 -5.82
C ARG A 45 -10.19 -15.06 -4.99
N LYS A 46 -10.03 -14.91 -3.68
CA LYS A 46 -10.05 -16.02 -2.73
C LYS A 46 -11.43 -16.67 -2.54
N PHE A 47 -12.42 -15.90 -2.12
CA PHE A 47 -13.78 -16.43 -2.00
C PHE A 47 -14.20 -16.72 -3.38
N GLU A 48 -13.68 -15.86 -4.23
CA GLU A 48 -13.85 -15.95 -5.64
C GLU A 48 -13.48 -17.37 -6.08
N LYS A 49 -12.82 -18.11 -5.18
CA LYS A 49 -12.41 -19.49 -5.44
C LYS A 49 -13.32 -20.46 -4.72
N GLY A 50 -14.50 -20.00 -4.32
CA GLY A 50 -15.41 -20.87 -3.58
C GLY A 50 -14.66 -21.48 -2.40
N GLU A 51 -13.72 -20.67 -1.93
CA GLU A 51 -12.83 -21.03 -0.86
C GLU A 51 -13.39 -20.67 0.52
N VAL A 52 -13.60 -19.38 0.73
CA VAL A 52 -14.12 -18.84 1.96
C VAL A 52 -14.70 -17.52 1.62
N THR A 53 -15.30 -16.86 2.57
CA THR A 53 -15.73 -15.54 2.24
C THR A 53 -14.84 -14.56 2.99
N TRP A 54 -13.82 -14.11 2.27
CA TRP A 54 -12.84 -13.14 2.76
C TRP A 54 -12.48 -12.13 1.67
N LYS A 55 -12.57 -10.84 2.00
CA LYS A 55 -12.25 -9.78 1.05
C LYS A 55 -11.04 -9.00 1.47
N MET A 56 -10.45 -8.38 0.47
CA MET A 56 -9.26 -7.57 0.66
C MET A 56 -9.59 -6.39 1.58
N GLY A 57 -8.59 -5.58 1.94
CA GLY A 57 -8.85 -4.45 2.80
C GLY A 57 -7.79 -3.37 2.67
N ILE A 58 -6.87 -3.53 1.72
CA ILE A 58 -5.83 -2.55 1.52
C ILE A 58 -5.08 -2.40 2.81
N ASN A 59 -4.00 -3.13 2.94
CA ASN A 59 -3.27 -3.08 4.17
C ASN A 59 -2.65 -1.69 4.41
N HIS A 60 -2.49 -1.33 5.68
CA HIS A 60 -1.92 -0.04 6.04
C HIS A 60 -0.58 0.21 5.36
N LEU A 61 0.37 -0.71 5.54
CA LEU A 61 1.65 -0.52 4.91
C LEU A 61 1.56 -0.66 3.42
N ALA A 62 0.40 -1.05 2.89
CA ALA A 62 0.30 -1.22 1.45
C ALA A 62 0.59 0.08 0.75
N ASP A 63 0.90 1.12 1.51
CA ASP A 63 1.27 2.37 0.96
C ASP A 63 2.64 2.67 1.44
N LEU A 64 2.98 2.11 2.59
CA LEU A 64 4.31 2.25 3.10
C LEU A 64 4.83 0.94 3.64
N THR A 65 5.53 0.26 2.81
CA THR A 65 6.15 -1.01 3.16
C THR A 65 7.64 -0.80 3.30
N PRO A 66 8.44 -1.85 3.60
CA PRO A 66 9.90 -1.74 3.67
C PRO A 66 10.42 -0.75 2.64
N GLU A 67 9.69 -0.64 1.52
CA GLU A 67 10.04 0.31 0.48
C GLU A 67 10.10 1.68 1.12
N GLU A 68 8.97 1.98 1.72
CA GLU A 68 8.77 3.20 2.47
C GLU A 68 9.43 3.11 3.84
N PHE A 69 9.13 2.01 4.51
CA PHE A 69 9.60 1.73 5.84
C PHE A 69 11.12 1.84 5.95
N ALA A 70 11.84 1.23 5.02
CA ALA A 70 13.29 1.26 5.03
C ALA A 70 13.85 2.54 4.41
N GLN A 71 13.06 3.20 3.57
CA GLN A 71 13.50 4.44 2.92
C GLN A 71 12.95 5.68 3.62
N ARG A 72 12.07 5.49 4.60
CA ARG A 72 11.50 6.60 5.33
C ARG A 72 12.39 6.95 6.50
N SER A 73 13.01 5.92 7.08
CA SER A 73 13.91 6.10 8.21
C SER A 73 14.43 4.76 8.71
N GLY A 74 14.79 3.88 7.77
CA GLY A 74 15.30 2.57 8.14
C GLY A 74 16.75 2.38 7.72
N LYS A 75 17.13 3.00 6.61
CA LYS A 75 18.50 2.88 6.11
C LYS A 75 19.13 4.26 5.95
N LYS A 76 18.52 5.09 5.10
CA LYS A 76 19.01 6.44 4.85
C LYS A 76 20.44 6.39 4.30
N VAL A 77 20.58 5.97 3.06
CA VAL A 77 21.88 5.89 2.42
C VAL A 77 21.80 6.30 0.94
N PRO A 78 22.94 6.68 0.34
CA PRO A 78 22.99 7.09 -1.06
C PRO A 78 22.35 6.07 -1.99
N PRO A 79 21.66 6.54 -3.06
CA PRO A 79 20.99 5.64 -4.02
C PRO A 79 21.98 4.93 -4.93
N ASN A 80 21.46 4.28 -5.96
CA ASN A 80 22.30 3.54 -6.90
C ASN A 80 21.78 3.71 -8.33
N MET A 1 3.56 -2.23 -13.95
CA MET A 1 3.77 -0.84 -13.45
C MET A 1 3.75 -0.79 -11.92
N MET A 2 4.57 0.07 -11.35
CA MET A 2 4.64 0.22 -9.90
C MET A 2 4.03 1.55 -9.44
N SER A 3 3.66 2.40 -10.40
CA SER A 3 3.07 3.69 -10.09
C SER A 3 1.56 3.70 -10.37
N LEU A 4 0.97 2.51 -10.48
CA LEU A 4 -0.46 2.40 -10.75
C LEU A 4 -1.27 3.14 -9.69
N VAL A 5 -0.84 3.02 -8.45
CA VAL A 5 -1.54 3.65 -7.34
C VAL A 5 -0.72 4.75 -6.69
N SER A 6 -1.15 5.98 -6.92
CA SER A 6 -0.49 7.13 -6.34
C SER A 6 -1.18 7.53 -5.03
N ASP A 7 -0.57 8.51 -4.35
CA ASP A 7 -1.13 9.02 -3.10
C ASP A 7 -2.62 9.33 -3.23
N GLU A 8 -3.08 9.51 -4.47
CA GLU A 8 -4.48 9.84 -4.76
C GLU A 8 -5.45 8.88 -4.08
N GLU A 9 -5.33 7.59 -4.37
CA GLU A 9 -6.22 6.60 -3.78
C GLU A 9 -5.96 6.45 -2.28
N TRP A 10 -4.74 6.75 -1.87
CA TRP A 10 -4.36 6.62 -0.47
C TRP A 10 -4.72 7.84 0.38
N VAL A 11 -4.89 9.01 -0.25
CA VAL A 11 -5.23 10.20 0.51
C VAL A 11 -6.60 10.05 1.06
N GLU A 12 -7.48 9.49 0.24
CA GLU A 12 -8.83 9.28 0.68
C GLU A 12 -8.79 8.38 1.92
N TYR A 13 -7.79 7.51 1.93
CA TYR A 13 -7.56 6.57 3.01
C TYR A 13 -6.93 7.25 4.22
N LYS A 14 -5.88 8.04 3.96
CA LYS A 14 -5.15 8.75 5.01
C LYS A 14 -6.09 9.52 5.95
N SER A 15 -7.24 9.94 5.44
CA SER A 15 -8.21 10.65 6.23
C SER A 15 -8.86 9.69 7.18
N LYS A 16 -9.17 8.52 6.63
CA LYS A 16 -9.82 7.49 7.40
C LYS A 16 -8.81 6.64 8.17
N PHE A 17 -7.53 6.84 7.91
CA PHE A 17 -6.48 6.09 8.58
C PHE A 17 -5.94 6.82 9.82
N ASP A 18 -6.32 8.08 9.99
CA ASP A 18 -5.87 8.88 11.12
C ASP A 18 -4.36 9.17 11.05
N LYS A 19 -3.75 8.82 9.92
CA LYS A 19 -2.33 9.06 9.70
C LYS A 19 -2.10 9.38 8.23
N ASN A 20 -2.08 10.66 7.92
CA ASN A 20 -1.94 11.11 6.54
C ASN A 20 -0.51 11.45 6.15
N TYR A 21 -0.03 10.80 5.08
CA TYR A 21 1.29 11.07 4.54
C TYR A 21 1.18 11.26 3.03
N GLU A 22 1.46 12.50 2.61
CA GLU A 22 1.36 12.97 1.23
C GLU A 22 2.46 12.46 0.28
N ALA A 23 2.33 12.89 -0.98
CA ALA A 23 3.23 12.53 -2.06
C ALA A 23 4.71 12.54 -1.67
N GLU A 24 5.14 13.51 -0.86
CA GLU A 24 6.55 13.58 -0.47
C GLU A 24 7.00 12.23 0.08
N GLU A 25 6.33 11.76 1.11
CA GLU A 25 6.62 10.46 1.70
C GLU A 25 6.03 9.36 0.80
N ASP A 26 4.85 9.66 0.28
CA ASP A 26 4.10 8.74 -0.59
C ASP A 26 4.88 8.30 -1.82
N LEU A 27 5.76 9.16 -2.32
CA LEU A 27 6.53 8.86 -3.52
C LEU A 27 7.16 7.47 -3.44
N MET A 28 7.92 7.22 -2.38
CA MET A 28 8.51 5.91 -2.19
C MET A 28 7.39 4.91 -1.94
N ARG A 29 6.30 5.43 -1.38
CA ARG A 29 5.12 4.63 -1.10
C ARG A 29 4.37 4.32 -2.39
N ARG A 30 4.56 5.16 -3.41
CA ARG A 30 3.89 4.95 -4.68
C ARG A 30 4.14 3.52 -5.13
N ARG A 31 5.35 3.07 -4.88
CA ARG A 31 5.76 1.70 -5.21
C ARG A 31 5.09 0.67 -4.30
N ILE A 32 4.86 1.03 -3.03
CA ILE A 32 4.22 0.09 -2.13
C ILE A 32 2.73 0.13 -2.37
N TYR A 33 2.26 1.28 -2.72
CA TYR A 33 0.86 1.41 -3.01
C TYR A 33 0.46 0.49 -4.17
N ALA A 34 1.38 0.26 -5.10
CA ALA A 34 1.11 -0.58 -6.26
C ALA A 34 0.64 -1.96 -5.85
N GLU A 35 1.37 -2.58 -4.96
CA GLU A 35 1.01 -3.90 -4.45
C GLU A 35 -0.36 -3.90 -3.81
N SER A 36 -0.73 -2.75 -3.22
CA SER A 36 -2.02 -2.64 -2.52
C SER A 36 -3.16 -3.18 -3.36
N LYS A 37 -3.32 -2.68 -4.57
CA LYS A 37 -4.40 -3.19 -5.42
C LYS A 37 -4.21 -4.68 -5.63
N ALA A 38 -2.96 -5.10 -5.81
CA ALA A 38 -2.67 -6.53 -5.98
C ALA A 38 -3.30 -7.31 -4.85
N ARG A 39 -3.28 -6.68 -3.69
CA ARG A 39 -3.86 -7.23 -2.48
C ARG A 39 -5.37 -7.23 -2.57
N ILE A 40 -5.91 -6.24 -3.25
CA ILE A 40 -7.35 -6.15 -3.40
C ILE A 40 -7.83 -7.32 -4.24
N GLU A 41 -6.97 -7.71 -5.14
CA GLU A 41 -7.19 -8.89 -5.98
C GLU A 41 -7.02 -10.14 -5.11
N GLU A 42 -6.24 -9.97 -4.05
CA GLU A 42 -5.86 -11.02 -3.11
C GLU A 42 -7.02 -11.82 -2.52
N HIS A 43 -7.84 -11.15 -1.71
CA HIS A 43 -8.95 -11.81 -1.04
C HIS A 43 -10.16 -11.94 -1.94
N ASN A 44 -10.33 -10.98 -2.83
CA ASN A 44 -11.47 -10.97 -3.72
C ASN A 44 -11.46 -12.18 -4.63
N ARG A 45 -10.28 -12.68 -4.94
CA ARG A 45 -10.12 -13.85 -5.79
C ARG A 45 -10.17 -15.14 -4.96
N LYS A 46 -9.97 -14.98 -3.65
CA LYS A 46 -9.93 -16.09 -2.70
C LYS A 46 -11.28 -16.80 -2.47
N PHE A 47 -12.30 -16.06 -2.04
CA PHE A 47 -13.63 -16.64 -1.88
C PHE A 47 -14.07 -16.95 -3.26
N GLU A 48 -13.59 -16.08 -4.12
CA GLU A 48 -13.79 -16.19 -5.52
C GLU A 48 -13.36 -17.59 -5.96
N LYS A 49 -12.64 -18.27 -5.05
CA LYS A 49 -12.14 -19.62 -5.28
C LYS A 49 -13.01 -20.64 -4.55
N GLY A 50 -14.23 -20.24 -4.16
CA GLY A 50 -15.08 -21.15 -3.41
C GLY A 50 -14.30 -21.71 -2.26
N GLU A 51 -13.41 -20.86 -1.77
CA GLU A 51 -12.49 -21.18 -0.71
C GLU A 51 -13.04 -20.82 0.67
N VAL A 52 -13.29 -19.54 0.87
CA VAL A 52 -13.82 -19.01 2.11
C VAL A 52 -14.45 -17.72 1.76
N THR A 53 -15.06 -17.06 2.70
CA THR A 53 -15.54 -15.76 2.37
C THR A 53 -14.69 -14.74 3.10
N TRP A 54 -13.68 -14.27 2.36
CA TRP A 54 -12.74 -13.25 2.84
C TRP A 54 -12.42 -12.25 1.73
N LYS A 55 -12.57 -10.97 2.05
CA LYS A 55 -12.28 -9.90 1.09
C LYS A 55 -11.08 -9.09 1.47
N MET A 56 -10.53 -8.47 0.46
CA MET A 56 -9.36 -7.62 0.62
C MET A 56 -9.69 -6.45 1.54
N GLY A 57 -8.71 -5.61 1.86
CA GLY A 57 -8.96 -4.48 2.72
C GLY A 57 -7.92 -3.39 2.58
N ILE A 58 -7.00 -3.56 1.61
CA ILE A 58 -5.96 -2.57 1.42
C ILE A 58 -5.19 -2.43 2.69
N ASN A 59 -4.09 -3.15 2.80
CA ASN A 59 -3.36 -3.10 4.02
C ASN A 59 -2.74 -1.72 4.26
N HIS A 60 -2.57 -1.39 5.54
CA HIS A 60 -1.99 -0.10 5.94
C HIS A 60 -0.66 0.15 5.25
N LEU A 61 0.26 -0.80 5.37
CA LEU A 61 1.54 -0.62 4.73
C LEU A 61 1.45 -0.73 3.24
N ALA A 62 0.28 -1.07 2.69
CA ALA A 62 0.18 -1.19 1.25
C ALA A 62 0.53 0.10 0.58
N ASP A 63 0.86 1.10 1.38
CA ASP A 63 1.26 2.37 0.87
C ASP A 63 2.65 2.59 1.37
N LEU A 64 2.94 2.02 2.53
CA LEU A 64 4.28 2.12 3.05
C LEU A 64 4.76 0.79 3.56
N THR A 65 5.44 0.11 2.71
CA THR A 65 6.03 -1.20 3.02
C THR A 65 7.53 -1.02 3.18
N PRO A 66 8.30 -2.09 3.45
CA PRO A 66 9.76 -2.03 3.52
C PRO A 66 10.31 -1.02 2.52
N GLU A 67 9.58 -0.87 1.40
CA GLU A 67 9.96 0.11 0.38
C GLU A 67 10.05 1.45 1.06
N GLU A 68 8.92 1.76 1.67
CA GLU A 68 8.75 2.96 2.44
C GLU A 68 9.42 2.85 3.80
N PHE A 69 9.09 1.74 4.45
CA PHE A 69 9.59 1.42 5.78
C PHE A 69 11.10 1.51 5.86
N ALA A 70 11.79 0.88 4.92
CA ALA A 70 13.25 0.89 4.89
C ALA A 70 13.81 2.17 4.26
N GLN A 71 13.04 2.79 3.38
CA GLN A 71 13.49 4.01 2.71
C GLN A 71 13.00 5.27 3.41
N ARG A 72 12.15 5.12 4.43
CA ARG A 72 11.64 6.25 5.17
C ARG A 72 12.59 6.58 6.31
N SER A 73 13.19 5.54 6.87
CA SER A 73 14.14 5.68 7.97
C SER A 73 14.57 4.32 8.49
N GLY A 74 14.86 3.40 7.58
CA GLY A 74 15.29 2.07 7.98
C GLY A 74 16.71 1.77 7.54
N LYS A 75 16.88 1.35 6.29
CA LYS A 75 18.19 1.01 5.75
C LYS A 75 18.31 1.49 4.31
N LYS A 76 19.52 1.93 3.95
CA LYS A 76 19.78 2.41 2.60
C LYS A 76 20.69 1.45 1.84
N VAL A 77 20.52 1.38 0.53
CA VAL A 77 21.32 0.50 -0.31
C VAL A 77 21.52 1.08 -1.71
N PRO A 78 22.69 1.67 -1.98
CA PRO A 78 23.00 2.27 -3.29
C PRO A 78 22.67 1.31 -4.45
N PRO A 79 22.67 1.83 -5.69
CA PRO A 79 22.37 1.02 -6.87
C PRO A 79 23.48 0.03 -7.18
N ASN A 80 23.29 -0.76 -8.23
CA ASN A 80 24.27 -1.77 -8.62
C ASN A 80 24.49 -2.78 -7.52
N MET A 1 4.63 5.28 -14.91
CA MET A 1 3.29 4.71 -14.69
C MET A 1 3.37 3.24 -14.30
N MET A 2 4.29 2.94 -13.39
CA MET A 2 4.47 1.57 -12.92
C MET A 2 3.89 1.39 -11.51
N SER A 3 3.85 2.48 -10.75
CA SER A 3 3.31 2.43 -9.39
C SER A 3 1.81 2.20 -9.39
N LEU A 4 1.14 2.68 -10.45
CA LEU A 4 -0.31 2.52 -10.59
C LEU A 4 -1.05 3.34 -9.54
N VAL A 5 -0.84 2.98 -8.28
CA VAL A 5 -1.51 3.63 -7.17
C VAL A 5 -0.67 4.73 -6.55
N SER A 6 -1.02 5.96 -6.84
CA SER A 6 -0.33 7.11 -6.29
C SER A 6 -1.03 7.60 -5.03
N ASP A 7 -0.42 8.59 -4.38
CA ASP A 7 -0.98 9.18 -3.16
C ASP A 7 -2.48 9.48 -3.33
N GLU A 8 -2.92 9.62 -4.58
CA GLU A 8 -4.32 9.95 -4.88
C GLU A 8 -5.30 9.02 -4.18
N GLU A 9 -5.19 7.73 -4.42
CA GLU A 9 -6.08 6.76 -3.80
C GLU A 9 -5.83 6.69 -2.31
N TRP A 10 -4.62 7.00 -1.89
CA TRP A 10 -4.26 6.94 -0.48
C TRP A 10 -4.64 8.19 0.31
N VAL A 11 -4.81 9.34 -0.36
CA VAL A 11 -5.16 10.56 0.34
C VAL A 11 -6.52 10.38 0.95
N GLU A 12 -7.41 9.81 0.17
CA GLU A 12 -8.74 9.58 0.65
C GLU A 12 -8.69 8.60 1.82
N TYR A 13 -7.69 7.72 1.75
CA TYR A 13 -7.47 6.69 2.78
C TYR A 13 -6.83 7.27 4.05
N LYS A 14 -5.84 8.14 3.86
CA LYS A 14 -5.11 8.73 4.99
C LYS A 14 -6.05 9.30 6.05
N SER A 15 -7.23 9.73 5.64
CA SER A 15 -8.20 10.27 6.56
C SER A 15 -8.80 9.13 7.37
N LYS A 16 -9.14 8.08 6.65
CA LYS A 16 -9.74 6.92 7.26
C LYS A 16 -8.72 5.97 7.86
N PHE A 17 -7.44 6.23 7.60
CA PHE A 17 -6.38 5.36 8.13
C PHE A 17 -5.69 5.97 9.35
N ASP A 18 -5.94 7.25 9.61
CA ASP A 18 -5.33 7.93 10.75
C ASP A 18 -3.82 8.10 10.55
N LYS A 19 -3.34 7.77 9.36
CA LYS A 19 -1.93 7.91 9.02
C LYS A 19 -1.80 8.66 7.71
N ASN A 20 -1.71 9.99 7.82
CA ASN A 20 -1.64 10.83 6.63
C ASN A 20 -0.22 11.11 6.17
N TYR A 21 0.08 10.69 4.94
CA TYR A 21 1.37 10.94 4.33
C TYR A 21 1.18 11.13 2.81
N GLU A 22 1.46 12.38 2.41
CA GLU A 22 1.30 12.86 1.02
C GLU A 22 2.39 12.40 0.06
N ALA A 23 2.23 12.85 -1.19
CA ALA A 23 3.13 12.52 -2.30
C ALA A 23 4.60 12.55 -1.91
N GLU A 24 5.02 13.52 -1.09
CA GLU A 24 6.43 13.60 -0.71
C GLU A 24 6.91 12.26 -0.15
N GLU A 25 6.23 11.80 0.91
CA GLU A 25 6.54 10.52 1.50
C GLU A 25 5.98 9.39 0.62
N ASP A 26 4.81 9.67 0.06
CA ASP A 26 4.09 8.74 -0.79
C ASP A 26 4.90 8.27 -1.99
N LEU A 27 5.83 9.10 -2.45
CA LEU A 27 6.63 8.75 -3.62
C LEU A 27 7.19 7.33 -3.53
N MET A 28 7.89 7.05 -2.45
CA MET A 28 8.43 5.73 -2.22
C MET A 28 7.28 4.77 -1.92
N ARG A 29 6.20 5.36 -1.41
CA ARG A 29 5.01 4.60 -1.07
C ARG A 29 4.22 4.22 -2.31
N ARG A 30 4.30 5.05 -3.35
CA ARG A 30 3.59 4.77 -4.59
C ARG A 30 3.90 3.35 -5.01
N ARG A 31 5.14 2.96 -4.75
CA ARG A 31 5.59 1.60 -5.06
C ARG A 31 4.95 0.57 -4.13
N ILE A 32 4.72 0.95 -2.87
CA ILE A 32 4.10 0.04 -1.93
C ILE A 32 2.62 0.04 -2.16
N TYR A 33 2.12 1.17 -2.55
CA TYR A 33 0.72 1.29 -2.85
C TYR A 33 0.34 0.39 -4.04
N ALA A 34 1.28 0.21 -4.97
CA ALA A 34 1.03 -0.60 -6.15
C ALA A 34 0.53 -1.99 -5.79
N GLU A 35 1.25 -2.63 -4.89
CA GLU A 35 0.86 -3.97 -4.43
C GLU A 35 -0.54 -3.97 -3.82
N SER A 36 -0.93 -2.84 -3.23
CA SER A 36 -2.23 -2.73 -2.56
C SER A 36 -3.36 -3.26 -3.44
N LYS A 37 -3.48 -2.73 -4.65
CA LYS A 37 -4.52 -3.22 -5.54
C LYS A 37 -4.33 -4.72 -5.77
N ALA A 38 -3.07 -5.13 -5.91
CA ALA A 38 -2.76 -6.54 -6.08
C ALA A 38 -3.37 -7.32 -4.93
N ARG A 39 -3.32 -6.69 -3.78
CA ARG A 39 -3.87 -7.22 -2.55
C ARG A 39 -5.38 -7.17 -2.61
N ILE A 40 -5.91 -6.16 -3.27
CA ILE A 40 -7.35 -6.02 -3.38
C ILE A 40 -7.88 -7.17 -4.23
N GLU A 41 -7.05 -7.56 -5.17
CA GLU A 41 -7.32 -8.70 -6.02
C GLU A 41 -7.14 -9.97 -5.19
N GLU A 42 -6.31 -9.82 -4.16
CA GLU A 42 -5.90 -10.91 -3.26
C GLU A 42 -7.04 -11.70 -2.62
N HIS A 43 -7.82 -11.05 -1.78
CA HIS A 43 -8.91 -11.71 -1.07
C HIS A 43 -10.15 -11.83 -1.92
N ASN A 44 -10.34 -10.85 -2.79
CA ASN A 44 -11.51 -10.84 -3.64
C ASN A 44 -11.54 -12.02 -4.58
N ARG A 45 -10.36 -12.51 -4.95
CA ARG A 45 -10.24 -13.66 -5.83
C ARG A 45 -10.24 -14.97 -5.03
N LYS A 46 -9.96 -14.86 -3.74
CA LYS A 46 -9.85 -16.00 -2.84
C LYS A 46 -11.19 -16.70 -2.55
N PHE A 47 -12.17 -15.98 -2.01
CA PHE A 47 -13.49 -16.56 -1.79
C PHE A 47 -14.03 -16.83 -3.13
N GLU A 48 -13.62 -15.94 -4.01
CA GLU A 48 -13.91 -16.02 -5.39
C GLU A 48 -13.50 -17.41 -5.90
N LYS A 49 -12.72 -18.11 -5.04
CA LYS A 49 -12.26 -19.45 -5.33
C LYS A 49 -13.07 -20.49 -4.58
N GLY A 50 -14.26 -20.10 -4.10
CA GLY A 50 -15.08 -21.03 -3.34
C GLY A 50 -14.23 -21.61 -2.22
N GLU A 51 -13.32 -20.77 -1.78
CA GLU A 51 -12.33 -21.12 -0.78
C GLU A 51 -12.81 -20.77 0.64
N VAL A 52 -13.07 -19.49 0.87
CA VAL A 52 -13.52 -18.98 2.14
C VAL A 52 -14.19 -17.70 1.85
N THR A 53 -14.77 -17.06 2.82
CA THR A 53 -15.27 -15.77 2.53
C THR A 53 -14.40 -14.74 3.24
N TRP A 54 -13.44 -14.25 2.46
CA TRP A 54 -12.49 -13.23 2.91
C TRP A 54 -12.23 -12.19 1.80
N LYS A 55 -12.41 -10.92 2.13
CA LYS A 55 -12.18 -9.84 1.17
C LYS A 55 -10.98 -9.02 1.52
N MET A 56 -10.47 -8.38 0.50
CA MET A 56 -9.32 -7.51 0.64
C MET A 56 -9.65 -6.36 1.58
N GLY A 57 -8.67 -5.51 1.89
CA GLY A 57 -8.94 -4.39 2.76
C GLY A 57 -7.91 -3.29 2.64
N ILE A 58 -6.98 -3.43 1.69
CA ILE A 58 -5.95 -2.42 1.50
C ILE A 58 -5.21 -2.25 2.80
N ASN A 59 -4.17 -3.02 2.97
CA ASN A 59 -3.47 -2.94 4.21
C ASN A 59 -2.84 -1.57 4.42
N HIS A 60 -2.70 -1.18 5.69
CA HIS A 60 -2.13 0.12 6.04
C HIS A 60 -0.78 0.33 5.37
N LEU A 61 0.15 -0.59 5.59
CA LEU A 61 1.45 -0.44 4.97
C LEU A 61 1.36 -0.61 3.48
N ALA A 62 0.20 -0.98 2.94
CA ALA A 62 0.10 -1.16 1.51
C ALA A 62 0.44 0.12 0.79
N ASP A 63 0.76 1.15 1.55
CA ASP A 63 1.15 2.40 0.97
C ASP A 63 2.53 2.66 1.45
N LEU A 64 2.86 2.11 2.62
CA LEU A 64 4.18 2.24 3.14
C LEU A 64 4.67 0.92 3.70
N THR A 65 5.37 0.21 2.87
CA THR A 65 5.95 -1.08 3.24
C THR A 65 7.45 -0.88 3.39
N PRO A 66 8.22 -1.95 3.71
CA PRO A 66 9.69 -1.88 3.79
C PRO A 66 10.23 -0.91 2.75
N GLU A 67 9.51 -0.80 1.63
CA GLU A 67 9.90 0.14 0.57
C GLU A 67 9.98 1.50 1.21
N GLU A 68 8.86 1.83 1.80
CA GLU A 68 8.68 3.07 2.54
C GLU A 68 9.34 2.98 3.90
N PHE A 69 9.01 1.90 4.58
CA PHE A 69 9.47 1.61 5.93
C PHE A 69 10.99 1.69 6.05
N ALA A 70 11.69 1.02 5.13
CA ALA A 70 13.15 1.02 5.15
C ALA A 70 13.76 2.26 4.51
N GLN A 71 12.98 2.95 3.67
CA GLN A 71 13.47 4.15 2.99
C GLN A 71 12.93 5.43 3.63
N ARG A 72 12.04 5.29 4.60
CA ARG A 72 11.47 6.45 5.29
C ARG A 72 12.35 6.80 6.47
N SER A 73 12.94 5.78 7.08
CA SER A 73 13.81 5.96 8.22
C SER A 73 14.30 4.63 8.77
N GLY A 74 14.62 3.71 7.86
CA GLY A 74 15.10 2.40 8.26
C GLY A 74 16.59 2.24 8.01
N LYS A 75 17.03 2.58 6.81
CA LYS A 75 18.43 2.47 6.44
C LYS A 75 19.08 3.85 6.28
N LYS A 76 18.28 4.81 5.81
CA LYS A 76 18.76 6.17 5.61
C LYS A 76 19.85 6.20 4.54
N VAL A 77 19.78 7.20 3.65
CA VAL A 77 20.77 7.34 2.60
C VAL A 77 21.66 8.55 2.84
N PRO A 78 23.00 8.37 2.74
CA PRO A 78 23.96 9.45 2.96
C PRO A 78 24.00 10.43 1.78
N PRO A 79 23.77 11.73 2.05
CA PRO A 79 23.79 12.76 1.00
C PRO A 79 25.20 13.02 0.47
N ASN A 80 25.28 13.62 -0.71
CA ASN A 80 26.57 13.93 -1.33
C ASN A 80 27.10 15.28 -0.86
N MET A 1 2.48 -2.40 -13.43
CA MET A 1 3.60 -1.52 -12.99
C MET A 1 3.46 -1.14 -11.53
N MET A 2 4.22 -0.13 -11.10
CA MET A 2 4.18 0.33 -9.71
C MET A 2 3.52 1.70 -9.60
N SER A 3 3.25 2.33 -10.74
CA SER A 3 2.62 3.65 -10.76
C SER A 3 1.11 3.55 -10.90
N LEU A 4 0.55 2.37 -10.63
CA LEU A 4 -0.89 2.17 -10.73
C LEU A 4 -1.63 2.97 -9.67
N VAL A 5 -1.10 2.97 -8.46
CA VAL A 5 -1.73 3.67 -7.36
C VAL A 5 -0.86 4.76 -6.76
N SER A 6 -1.26 5.99 -6.98
CA SER A 6 -0.55 7.14 -6.46
C SER A 6 -1.17 7.58 -5.13
N ASP A 7 -0.53 8.55 -4.49
CA ASP A 7 -1.03 9.10 -3.23
C ASP A 7 -2.52 9.45 -3.33
N GLU A 8 -2.99 9.64 -4.55
CA GLU A 8 -4.38 10.00 -4.82
C GLU A 8 -5.37 9.07 -4.10
N GLU A 9 -5.29 7.79 -4.39
CA GLU A 9 -6.19 6.83 -3.78
C GLU A 9 -5.94 6.71 -2.28
N TRP A 10 -4.70 6.97 -1.87
CA TRP A 10 -4.33 6.88 -0.46
C TRP A 10 -4.65 8.13 0.35
N VAL A 11 -4.79 9.29 -0.30
CA VAL A 11 -5.08 10.51 0.43
C VAL A 11 -6.46 10.40 1.00
N GLU A 12 -7.36 9.85 0.22
CA GLU A 12 -8.71 9.68 0.68
C GLU A 12 -8.68 8.78 1.90
N TYR A 13 -7.71 7.88 1.90
CA TYR A 13 -7.49 6.92 2.99
C TYR A 13 -6.84 7.59 4.20
N LYS A 14 -5.79 8.35 3.93
CA LYS A 14 -5.02 9.03 4.98
C LYS A 14 -5.92 9.81 5.95
N SER A 15 -7.06 10.28 5.45
CA SER A 15 -7.99 11.00 6.28
C SER A 15 -8.69 10.05 7.21
N LYS A 16 -9.11 8.93 6.63
CA LYS A 16 -9.82 7.92 7.38
C LYS A 16 -8.87 6.98 8.12
N PHE A 17 -7.58 7.10 7.86
CA PHE A 17 -6.60 6.24 8.50
C PHE A 17 -5.97 6.88 9.75
N ASP A 18 -6.20 8.19 9.93
CA ASP A 18 -5.66 8.90 11.09
C ASP A 18 -4.13 9.08 10.98
N LYS A 19 -3.58 8.72 9.83
CA LYS A 19 -2.15 8.85 9.58
C LYS A 19 -1.94 9.26 8.13
N ASN A 20 -1.82 10.55 7.91
CA ASN A 20 -1.68 11.07 6.56
C ASN A 20 -0.23 11.34 6.15
N TYR A 21 0.18 10.73 5.04
CA TYR A 21 1.50 10.94 4.48
C TYR A 21 1.37 11.17 2.97
N GLU A 22 1.71 12.41 2.59
CA GLU A 22 1.60 12.93 1.23
C GLU A 22 2.68 12.44 0.27
N ALA A 23 2.57 12.92 -0.98
CA ALA A 23 3.46 12.58 -2.08
C ALA A 23 4.93 12.54 -1.69
N GLU A 24 5.39 13.48 -0.86
CA GLU A 24 6.81 13.49 -0.48
C GLU A 24 7.22 12.13 0.06
N GLU A 25 6.52 11.67 1.09
CA GLU A 25 6.77 10.35 1.66
C GLU A 25 6.17 9.28 0.75
N ASP A 26 5.00 9.62 0.22
CA ASP A 26 4.23 8.74 -0.66
C ASP A 26 5.01 8.28 -1.88
N LEU A 27 5.93 9.09 -2.36
CA LEU A 27 6.69 8.75 -3.55
C LEU A 27 7.26 7.34 -3.48
N MET A 28 8.00 7.08 -2.41
CA MET A 28 8.54 5.74 -2.20
C MET A 28 7.37 4.78 -1.95
N ARG A 29 6.31 5.35 -1.39
CA ARG A 29 5.11 4.60 -1.10
C ARG A 29 4.34 4.29 -2.38
N ARG A 30 4.53 5.14 -3.40
CA ARG A 30 3.85 4.94 -4.68
C ARG A 30 4.08 3.50 -5.11
N ARG A 31 5.28 3.01 -4.84
CA ARG A 31 5.65 1.66 -5.16
C ARG A 31 4.94 0.64 -4.26
N ILE A 32 4.69 1.02 -3.00
CA ILE A 32 4.01 0.11 -2.09
C ILE A 32 2.53 0.18 -2.35
N TYR A 33 2.08 1.34 -2.71
CA TYR A 33 0.69 1.50 -3.01
C TYR A 33 0.27 0.59 -4.16
N ALA A 34 1.19 0.37 -5.11
CA ALA A 34 0.90 -0.46 -6.27
C ALA A 34 0.40 -1.84 -5.86
N GLU A 35 1.14 -2.47 -4.98
CA GLU A 35 0.76 -3.79 -4.47
C GLU A 35 -0.60 -3.76 -3.80
N SER A 36 -0.96 -2.61 -3.22
CA SER A 36 -2.22 -2.49 -2.49
C SER A 36 -3.39 -3.03 -3.29
N LYS A 37 -3.57 -2.55 -4.51
CA LYS A 37 -4.66 -3.06 -5.34
C LYS A 37 -4.47 -4.55 -5.57
N ALA A 38 -3.21 -4.95 -5.77
CA ALA A 38 -2.88 -6.36 -5.95
C ALA A 38 -3.48 -7.17 -4.82
N ARG A 39 -3.48 -6.55 -3.66
CA ARG A 39 -4.03 -7.12 -2.46
C ARG A 39 -5.54 -7.17 -2.53
N ILE A 40 -6.11 -6.20 -3.20
CA ILE A 40 -7.56 -6.14 -3.33
C ILE A 40 -8.00 -7.31 -4.19
N GLU A 41 -7.14 -7.64 -5.13
CA GLU A 41 -7.34 -8.80 -5.99
C GLU A 41 -7.09 -10.07 -5.16
N GLU A 42 -6.30 -9.88 -4.11
CA GLU A 42 -5.85 -10.95 -3.21
C GLU A 42 -6.97 -11.79 -2.60
N HIS A 43 -7.78 -11.18 -1.77
CA HIS A 43 -8.86 -11.89 -1.08
C HIS A 43 -10.09 -12.07 -1.96
N ASN A 44 -10.32 -11.09 -2.81
CA ASN A 44 -11.48 -11.11 -3.67
C ASN A 44 -11.45 -12.30 -4.61
N ARG A 45 -10.24 -12.77 -4.93
CA ARG A 45 -10.06 -13.92 -5.81
C ARG A 45 -10.06 -15.24 -5.02
N LYS A 46 -9.81 -15.12 -3.71
CA LYS A 46 -9.72 -16.28 -2.82
C LYS A 46 -11.06 -17.00 -2.56
N PHE A 47 -12.07 -16.28 -2.04
CA PHE A 47 -13.38 -16.88 -1.85
C PHE A 47 -13.87 -17.16 -3.22
N GLU A 48 -13.45 -16.25 -4.08
CA GLU A 48 -13.69 -16.33 -5.47
C GLU A 48 -13.28 -17.73 -5.96
N LYS A 49 -12.52 -18.42 -5.10
CA LYS A 49 -12.03 -19.77 -5.37
C LYS A 49 -12.88 -20.80 -4.64
N GLY A 50 -14.09 -20.42 -4.21
CA GLY A 50 -14.92 -21.35 -3.47
C GLY A 50 -14.11 -21.93 -2.33
N GLU A 51 -13.21 -21.09 -1.86
CA GLU A 51 -12.27 -21.44 -0.82
C GLU A 51 -12.78 -21.11 0.58
N VAL A 52 -13.05 -19.83 0.81
CA VAL A 52 -13.54 -19.32 2.07
C VAL A 52 -14.20 -18.03 1.75
N THR A 53 -14.80 -17.39 2.72
CA THR A 53 -15.29 -16.10 2.42
C THR A 53 -14.44 -15.08 3.15
N TRP A 54 -13.46 -14.57 2.40
CA TRP A 54 -12.53 -13.55 2.88
C TRP A 54 -12.26 -12.51 1.79
N LYS A 55 -12.44 -11.24 2.13
CA LYS A 55 -12.21 -10.14 1.17
C LYS A 55 -11.04 -9.29 1.55
N MET A 56 -10.53 -8.64 0.55
CA MET A 56 -9.39 -7.76 0.69
C MET A 56 -9.75 -6.60 1.64
N GLY A 57 -8.79 -5.73 1.93
CA GLY A 57 -9.08 -4.61 2.81
C GLY A 57 -8.07 -3.49 2.66
N ILE A 58 -7.16 -3.60 1.68
CA ILE A 58 -6.17 -2.57 1.48
C ILE A 58 -5.39 -2.42 2.74
N ASN A 59 -4.29 -3.14 2.86
CA ASN A 59 -3.54 -3.05 4.07
C ASN A 59 -2.94 -1.67 4.27
N HIS A 60 -2.79 -1.27 5.54
CA HIS A 60 -2.24 0.03 5.89
C HIS A 60 -0.89 0.26 5.21
N LEU A 61 0.02 -0.67 5.39
CA LEU A 61 1.32 -0.51 4.76
C LEU A 61 1.22 -0.61 3.27
N ALA A 62 0.03 -0.93 2.72
CA ALA A 62 -0.06 -1.05 1.28
C ALA A 62 0.31 0.24 0.61
N ASP A 63 0.66 1.23 1.40
CA ASP A 63 1.10 2.48 0.88
C ASP A 63 2.49 2.68 1.37
N LEU A 64 2.78 2.09 2.51
CA LEU A 64 4.12 2.15 3.04
C LEU A 64 4.56 0.80 3.55
N THR A 65 5.22 0.10 2.70
CA THR A 65 5.76 -1.23 3.03
C THR A 65 7.26 -1.10 3.17
N PRO A 66 7.99 -2.21 3.44
CA PRO A 66 9.46 -2.21 3.51
C PRO A 66 10.04 -1.22 2.49
N GLU A 67 9.31 -1.03 1.39
CA GLU A 67 9.73 -0.08 0.36
C GLU A 67 9.89 1.25 1.04
N GLU A 68 8.80 1.61 1.67
CA GLU A 68 8.69 2.83 2.44
C GLU A 68 9.38 2.66 3.78
N PHE A 69 9.00 1.57 4.44
CA PHE A 69 9.51 1.21 5.76
C PHE A 69 11.03 1.21 5.79
N ALA A 70 11.65 0.92 4.64
CA ALA A 70 13.11 0.88 4.55
C ALA A 70 13.71 2.27 4.35
N GLN A 71 13.22 2.99 3.34
CA GLN A 71 13.74 4.32 3.03
C GLN A 71 13.11 5.41 3.90
N ARG A 72 12.12 5.06 4.72
CA ARG A 72 11.49 6.03 5.59
C ARG A 72 12.25 6.07 6.90
N SER A 73 12.85 4.94 7.25
CA SER A 73 13.63 4.83 8.46
C SER A 73 14.96 4.14 8.22
N GLY A 74 14.90 2.82 7.98
CA GLY A 74 16.12 2.07 7.74
C GLY A 74 15.87 0.83 6.90
N LYS A 75 16.63 0.69 5.81
CA LYS A 75 16.51 -0.45 4.92
C LYS A 75 17.22 -1.68 5.48
N LYS A 76 16.90 -2.85 4.94
CA LYS A 76 17.51 -4.10 5.37
C LYS A 76 17.63 -5.07 4.21
N VAL A 77 18.84 -5.26 3.73
CA VAL A 77 19.09 -6.17 2.61
C VAL A 77 19.10 -7.64 3.06
N PRO A 78 19.82 -7.97 4.14
CA PRO A 78 19.90 -9.35 4.64
C PRO A 78 18.65 -9.73 5.45
N PRO A 79 18.42 -11.04 5.62
CA PRO A 79 17.27 -11.56 6.37
C PRO A 79 17.17 -10.94 7.76
N ASN A 80 18.22 -11.13 8.56
CA ASN A 80 18.26 -10.60 9.91
C ASN A 80 19.67 -10.17 10.29
N MET A 1 -5.26 6.15 -12.46
CA MET A 1 -5.31 4.66 -12.56
C MET A 1 -4.46 4.17 -13.73
N MET A 2 -3.18 4.54 -13.73
CA MET A 2 -2.27 4.13 -14.79
C MET A 2 -2.00 2.63 -14.72
N SER A 3 -1.40 2.20 -13.61
CA SER A 3 -1.09 0.78 -13.42
C SER A 3 -2.05 0.14 -12.42
N LEU A 4 -2.31 0.84 -11.32
CA LEU A 4 -3.22 0.34 -10.29
C LEU A 4 -3.90 1.48 -9.56
N VAL A 5 -3.15 2.09 -8.66
CA VAL A 5 -3.66 3.16 -7.84
C VAL A 5 -2.59 4.18 -7.49
N SER A 6 -2.94 5.44 -7.57
CA SER A 6 -2.02 6.51 -7.23
C SER A 6 -2.20 6.92 -5.78
N ASP A 7 -1.19 7.59 -5.21
CA ASP A 7 -1.27 8.05 -3.82
C ASP A 7 -2.60 8.75 -3.55
N GLU A 8 -3.22 9.24 -4.63
CA GLU A 8 -4.50 9.94 -4.53
C GLU A 8 -5.54 9.10 -3.79
N GLU A 9 -5.81 7.91 -4.29
CA GLU A 9 -6.79 7.03 -3.67
C GLU A 9 -6.46 6.78 -2.20
N TRP A 10 -5.18 6.91 -1.86
CA TRP A 10 -4.74 6.68 -0.48
C TRP A 10 -4.92 7.90 0.44
N VAL A 11 -4.99 9.11 -0.12
CA VAL A 11 -5.13 10.29 0.71
C VAL A 11 -6.49 10.28 1.34
N GLU A 12 -7.48 9.88 0.56
CA GLU A 12 -8.81 9.83 1.08
C GLU A 12 -8.82 8.89 2.29
N TYR A 13 -7.92 7.92 2.21
CA TYR A 13 -7.73 6.92 3.27
C TYR A 13 -6.95 7.50 4.46
N LYS A 14 -5.91 8.26 4.14
CA LYS A 14 -5.04 8.86 5.15
C LYS A 14 -5.82 9.61 6.22
N SER A 15 -7.00 10.12 5.85
CA SER A 15 -7.84 10.83 6.80
C SER A 15 -8.45 9.83 7.75
N LYS A 16 -8.89 8.72 7.16
CA LYS A 16 -9.52 7.68 7.92
C LYS A 16 -8.50 6.73 8.52
N PHE A 17 -7.23 6.89 8.14
CA PHE A 17 -6.17 6.02 8.66
C PHE A 17 -5.43 6.66 9.82
N ASP A 18 -5.64 7.96 10.04
CA ASP A 18 -4.97 8.67 11.13
C ASP A 18 -3.48 8.86 10.84
N LYS A 19 -3.06 8.51 9.64
CA LYS A 19 -1.67 8.66 9.22
C LYS A 19 -1.62 9.21 7.80
N ASN A 20 -1.53 10.53 7.69
CA ASN A 20 -1.52 11.18 6.39
C ASN A 20 -0.13 11.46 5.86
N TYR A 21 0.19 10.82 4.74
CA TYR A 21 1.47 11.02 4.08
C TYR A 21 1.24 11.20 2.57
N GLU A 22 1.53 12.43 2.13
CA GLU A 22 1.34 12.89 0.75
C GLU A 22 2.40 12.41 -0.24
N ALA A 23 2.23 12.83 -1.49
CA ALA A 23 3.11 12.46 -2.60
C ALA A 23 4.59 12.50 -2.23
N GLU A 24 5.01 13.44 -1.38
CA GLU A 24 6.42 13.51 -1.00
C GLU A 24 6.87 12.18 -0.41
N GLU A 25 6.18 11.75 0.64
CA GLU A 25 6.46 10.45 1.26
C GLU A 25 5.89 9.34 0.40
N ASP A 26 4.72 9.62 -0.15
CA ASP A 26 3.98 8.70 -1.00
C ASP A 26 4.79 8.19 -2.19
N LEU A 27 5.67 9.03 -2.72
CA LEU A 27 6.46 8.65 -3.88
C LEU A 27 7.10 7.28 -3.70
N MET A 28 7.83 7.12 -2.62
CA MET A 28 8.45 5.83 -2.32
C MET A 28 7.33 4.83 -2.01
N ARG A 29 6.24 5.37 -1.49
CA ARG A 29 5.07 4.58 -1.15
C ARG A 29 4.34 4.14 -2.42
N ARG A 30 4.47 4.92 -3.48
CA ARG A 30 3.81 4.57 -4.74
C ARG A 30 4.17 3.14 -5.09
N ARG A 31 5.39 2.76 -4.74
CA ARG A 31 5.87 1.41 -4.98
C ARG A 31 5.19 0.41 -4.03
N ILE A 32 4.87 0.84 -2.79
CA ILE A 32 4.21 -0.04 -1.85
C ILE A 32 2.73 -0.04 -2.13
N TYR A 33 2.27 1.10 -2.56
CA TYR A 33 0.88 1.23 -2.88
C TYR A 33 0.49 0.36 -4.07
N ALA A 34 1.44 0.12 -4.97
CA ALA A 34 1.16 -0.68 -6.16
C ALA A 34 0.76 -2.10 -5.79
N GLU A 35 1.57 -2.72 -4.97
CA GLU A 35 1.28 -4.07 -4.49
C GLU A 35 -0.06 -4.13 -3.78
N SER A 36 -0.43 -3.01 -3.17
CA SER A 36 -1.66 -2.90 -2.39
C SER A 36 -2.86 -3.45 -3.15
N LYS A 37 -3.10 -2.94 -4.35
CA LYS A 37 -4.23 -3.42 -5.14
C LYS A 37 -4.04 -4.90 -5.43
N ALA A 38 -2.79 -5.30 -5.65
CA ALA A 38 -2.49 -6.71 -5.90
C ALA A 38 -3.10 -7.54 -4.79
N ARG A 39 -3.05 -6.95 -3.60
CA ARG A 39 -3.60 -7.53 -2.40
C ARG A 39 -5.12 -7.49 -2.44
N ILE A 40 -5.66 -6.46 -3.06
CA ILE A 40 -7.10 -6.34 -3.15
C ILE A 40 -7.63 -7.47 -4.01
N GLU A 41 -6.79 -7.84 -4.97
CA GLU A 41 -7.07 -8.98 -5.85
C GLU A 41 -6.94 -10.26 -5.02
N GLU A 42 -6.16 -10.16 -3.94
CA GLU A 42 -5.82 -11.26 -3.05
C GLU A 42 -7.02 -12.02 -2.49
N HIS A 43 -7.82 -11.37 -1.68
CA HIS A 43 -8.97 -12.01 -1.06
C HIS A 43 -10.17 -12.04 -1.97
N ASN A 44 -10.27 -11.04 -2.83
CA ASN A 44 -11.40 -10.95 -3.73
C ASN A 44 -11.42 -12.10 -4.71
N ARG A 45 -10.25 -12.65 -5.03
CA ARG A 45 -10.14 -13.78 -5.94
C ARG A 45 -10.25 -15.10 -5.17
N LYS A 46 -10.05 -15.02 -3.86
CA LYS A 46 -10.05 -16.18 -2.97
C LYS A 46 -11.44 -16.84 -2.78
N PHE A 47 -12.42 -16.07 -2.30
CA PHE A 47 -13.78 -16.60 -2.17
C PHE A 47 -14.23 -16.81 -3.55
N GLU A 48 -13.74 -15.91 -4.38
CA GLU A 48 -13.94 -15.94 -5.78
C GLU A 48 -13.57 -17.33 -6.30
N LYS A 49 -12.88 -18.10 -5.44
CA LYS A 49 -12.46 -19.45 -5.74
C LYS A 49 -13.36 -20.47 -5.06
N GLY A 50 -14.55 -20.03 -4.64
CA GLY A 50 -15.44 -20.96 -3.93
C GLY A 50 -14.67 -21.61 -2.81
N GLU A 51 -13.74 -20.82 -2.29
CA GLU A 51 -12.83 -21.22 -1.25
C GLU A 51 -13.36 -20.92 0.16
N VAL A 52 -13.58 -19.64 0.41
CA VAL A 52 -14.07 -19.15 1.68
C VAL A 52 -14.66 -17.82 1.39
N THR A 53 -15.26 -17.20 2.37
CA THR A 53 -15.69 -15.87 2.11
C THR A 53 -14.81 -14.92 2.90
N TRP A 54 -13.79 -14.43 2.20
CA TRP A 54 -12.82 -13.47 2.72
C TRP A 54 -12.47 -12.42 1.68
N LYS A 55 -12.50 -11.15 2.08
CA LYS A 55 -12.18 -10.05 1.17
C LYS A 55 -10.97 -9.29 1.62
N MET A 56 -10.38 -8.65 0.65
CA MET A 56 -9.18 -7.84 0.85
C MET A 56 -9.51 -6.68 1.81
N GLY A 57 -8.51 -5.88 2.17
CA GLY A 57 -8.77 -4.77 3.06
C GLY A 57 -7.77 -3.64 2.89
N ILE A 58 -6.88 -3.76 1.90
CA ILE A 58 -5.89 -2.72 1.67
C ILE A 58 -5.14 -2.49 2.94
N ASN A 59 -4.07 -3.22 3.14
CA ASN A 59 -3.37 -3.08 4.37
C ASN A 59 -2.78 -1.67 4.52
N HIS A 60 -2.67 -1.22 5.77
CA HIS A 60 -2.13 0.11 6.06
C HIS A 60 -0.79 0.34 5.38
N LEU A 61 0.16 -0.55 5.62
CA LEU A 61 1.46 -0.39 5.00
C LEU A 61 1.37 -0.58 3.51
N ALA A 62 0.21 -0.97 2.98
CA ALA A 62 0.12 -1.20 1.56
C ALA A 62 0.43 0.07 0.80
N ASP A 63 0.74 1.12 1.53
CA ASP A 63 1.11 2.36 0.94
C ASP A 63 2.48 2.67 1.42
N LEU A 64 2.80 2.15 2.60
CA LEU A 64 4.12 2.32 3.12
C LEU A 64 4.64 1.02 3.72
N THR A 65 5.35 0.30 2.91
CA THR A 65 5.95 -0.95 3.32
C THR A 65 7.44 -0.73 3.48
N PRO A 66 8.23 -1.78 3.84
CA PRO A 66 9.69 -1.67 3.93
C PRO A 66 10.24 -0.72 2.88
N GLU A 67 9.53 -0.65 1.74
CA GLU A 67 9.92 0.27 0.67
C GLU A 67 9.98 1.65 1.27
N GLU A 68 8.84 1.98 1.83
CA GLU A 68 8.65 3.22 2.54
C GLU A 68 9.29 3.18 3.91
N PHE A 69 8.95 2.10 4.61
CA PHE A 69 9.40 1.86 5.97
C PHE A 69 10.92 1.98 6.08
N ALA A 70 11.63 1.47 5.08
CA ALA A 70 13.09 1.53 5.08
C ALA A 70 13.60 2.88 4.57
N GLN A 71 13.00 3.36 3.48
CA GLN A 71 13.42 4.63 2.88
C GLN A 71 12.85 5.83 3.63
N ARG A 72 11.96 5.60 4.58
CA ARG A 72 11.38 6.68 5.37
C ARG A 72 12.26 6.94 6.57
N SER A 73 12.87 5.88 7.09
CA SER A 73 13.74 5.97 8.25
C SER A 73 14.13 4.59 8.76
N GLY A 74 13.26 3.62 8.56
CA GLY A 74 13.54 2.26 9.02
C GLY A 74 14.93 1.79 8.68
N LYS A 75 15.49 2.29 7.58
CA LYS A 75 16.83 1.91 7.15
C LYS A 75 16.91 0.41 6.85
N LYS A 76 15.79 -0.16 6.44
CA LYS A 76 15.72 -1.58 6.11
C LYS A 76 16.03 -2.44 7.33
N VAL A 77 15.03 -2.60 8.19
CA VAL A 77 15.19 -3.41 9.40
C VAL A 77 14.90 -4.89 9.14
N PRO A 78 13.79 -5.20 8.43
CA PRO A 78 13.42 -6.59 8.13
C PRO A 78 14.13 -7.11 6.88
N PRO A 79 14.04 -8.43 6.63
CA PRO A 79 14.66 -9.06 5.47
C PRO A 79 14.02 -8.62 4.15
N ASN A 80 14.70 -8.91 3.05
CA ASN A 80 14.18 -8.56 1.73
C ASN A 80 14.00 -7.05 1.61
N MET A 1 1.02 3.34 -10.36
CA MET A 1 0.28 4.58 -10.01
C MET A 1 -1.15 4.54 -10.54
N MET A 2 -1.29 4.72 -11.85
CA MET A 2 -2.61 4.71 -12.49
C MET A 2 -3.06 3.28 -12.80
N SER A 3 -2.08 2.39 -12.99
CA SER A 3 -2.37 0.99 -13.30
C SER A 3 -3.24 0.37 -12.22
N LEU A 4 -3.09 0.84 -10.99
CA LEU A 4 -3.87 0.32 -9.87
C LEU A 4 -4.55 1.44 -9.10
N VAL A 5 -3.78 2.07 -8.24
CA VAL A 5 -4.29 3.13 -7.40
C VAL A 5 -3.21 4.18 -7.12
N SER A 6 -3.60 5.44 -7.21
CA SER A 6 -2.67 6.52 -6.92
C SER A 6 -2.82 6.95 -5.46
N ASP A 7 -1.77 7.56 -4.90
CA ASP A 7 -1.81 8.02 -3.51
C ASP A 7 -3.14 8.73 -3.21
N GLU A 8 -3.77 9.25 -4.26
CA GLU A 8 -5.05 9.95 -4.14
C GLU A 8 -6.08 9.12 -3.38
N GLU A 9 -6.37 7.94 -3.89
CA GLU A 9 -7.35 7.06 -3.26
C GLU A 9 -7.01 6.79 -1.81
N TRP A 10 -5.71 6.83 -1.48
CA TRP A 10 -5.25 6.57 -0.12
C TRP A 10 -5.33 7.79 0.79
N VAL A 11 -5.34 9.00 0.24
CA VAL A 11 -5.39 10.17 1.08
C VAL A 11 -6.74 10.26 1.70
N GLU A 12 -7.76 9.88 0.95
CA GLU A 12 -9.08 9.89 1.46
C GLU A 12 -9.12 9.04 2.72
N TYR A 13 -8.23 8.05 2.73
CA TYR A 13 -8.08 7.12 3.84
C TYR A 13 -7.31 7.75 5.00
N LYS A 14 -6.29 8.53 4.67
CA LYS A 14 -5.44 9.18 5.67
C LYS A 14 -6.27 9.93 6.72
N SER A 15 -7.45 10.39 6.32
CA SER A 15 -8.33 11.08 7.23
C SER A 15 -8.93 10.08 8.18
N LYS A 16 -9.30 8.95 7.61
CA LYS A 16 -9.91 7.89 8.36
C LYS A 16 -8.88 7.09 9.15
N PHE A 17 -7.59 7.36 8.90
CA PHE A 17 -6.52 6.65 9.60
C PHE A 17 -5.66 7.59 10.44
N ASP A 18 -5.72 8.89 10.16
CA ASP A 18 -4.94 9.87 10.90
C ASP A 18 -3.45 9.75 10.57
N LYS A 19 -3.12 8.92 9.58
CA LYS A 19 -1.73 8.72 9.16
C LYS A 19 -1.57 9.14 7.71
N ASN A 20 -1.31 10.42 7.49
CA ASN A 20 -1.16 10.94 6.13
C ASN A 20 0.29 11.14 5.73
N TYR A 21 0.59 10.79 4.47
CA TYR A 21 1.93 10.95 3.91
C TYR A 21 1.80 11.46 2.49
N GLU A 22 2.26 12.70 2.30
CA GLU A 22 2.20 13.43 1.03
C GLU A 22 3.11 12.88 -0.06
N ALA A 23 3.03 13.53 -1.22
CA ALA A 23 3.79 13.16 -2.41
C ALA A 23 5.25 12.81 -2.12
N GLU A 24 5.89 13.53 -1.21
CA GLU A 24 7.29 13.25 -0.90
C GLU A 24 7.49 11.77 -0.56
N GLU A 25 6.74 11.29 0.41
CA GLU A 25 6.80 9.89 0.81
C GLU A 25 6.07 9.01 -0.22
N ASP A 26 5.14 9.64 -0.95
CA ASP A 26 4.33 8.94 -1.94
C ASP A 26 5.16 8.26 -3.04
N LEU A 27 6.26 8.88 -3.47
CA LEU A 27 7.08 8.32 -4.54
C LEU A 27 7.40 6.85 -4.32
N MET A 28 7.99 6.55 -3.16
CA MET A 28 8.29 5.17 -2.82
C MET A 28 6.99 4.45 -2.55
N ARG A 29 5.99 5.24 -2.16
CA ARG A 29 4.66 4.76 -1.86
C ARG A 29 3.97 4.23 -3.09
N ARG A 30 4.15 4.91 -4.22
CA ARG A 30 3.56 4.45 -5.47
C ARG A 30 3.90 2.98 -5.65
N ARG A 31 5.15 2.66 -5.29
CA ARG A 31 5.66 1.30 -5.38
C ARG A 31 5.06 0.38 -4.31
N ILE A 32 4.84 0.91 -3.09
CA ILE A 32 4.27 0.10 -2.03
C ILE A 32 2.80 -0.02 -2.26
N TYR A 33 2.24 1.02 -2.78
CA TYR A 33 0.83 1.06 -3.05
C TYR A 33 0.46 0.11 -4.19
N ALA A 34 1.37 -0.09 -5.13
CA ALA A 34 1.11 -0.96 -6.27
C ALA A 34 0.72 -2.37 -5.83
N GLU A 35 1.52 -2.93 -4.94
CA GLU A 35 1.25 -4.26 -4.42
C GLU A 35 -0.12 -4.34 -3.76
N SER A 36 -0.58 -3.22 -3.20
CA SER A 36 -1.86 -3.18 -2.50
C SER A 36 -2.96 -3.81 -3.34
N LYS A 37 -3.15 -3.32 -4.56
CA LYS A 37 -4.16 -3.90 -5.43
C LYS A 37 -3.91 -5.39 -5.60
N ALA A 38 -2.62 -5.75 -5.71
CA ALA A 38 -2.25 -7.15 -5.82
C ALA A 38 -2.89 -7.90 -4.67
N ARG A 39 -2.86 -7.23 -3.54
CA ARG A 39 -3.45 -7.71 -2.32
C ARG A 39 -4.97 -7.62 -2.42
N ILE A 40 -5.45 -6.63 -3.14
CA ILE A 40 -6.88 -6.46 -3.31
C ILE A 40 -7.39 -7.61 -4.16
N GLU A 41 -6.52 -8.04 -5.05
CA GLU A 41 -6.78 -9.20 -5.90
C GLU A 41 -6.72 -10.46 -5.03
N GLU A 42 -5.98 -10.33 -3.94
CA GLU A 42 -5.71 -11.41 -2.98
C GLU A 42 -6.94 -12.13 -2.45
N HIS A 43 -7.76 -11.42 -1.69
CA HIS A 43 -8.95 -12.01 -1.09
C HIS A 43 -10.12 -12.07 -2.05
N ASN A 44 -10.16 -11.12 -2.96
CA ASN A 44 -11.24 -11.05 -3.91
C ASN A 44 -11.27 -12.25 -4.83
N ARG A 45 -10.09 -12.82 -5.07
CA ARG A 45 -9.96 -14.00 -5.93
C ARG A 45 -10.13 -15.29 -5.11
N LYS A 46 -9.98 -15.16 -3.80
CA LYS A 46 -10.04 -16.28 -2.86
C LYS A 46 -11.44 -16.89 -2.71
N PHE A 47 -12.43 -16.09 -2.30
CA PHE A 47 -13.80 -16.59 -2.20
C PHE A 47 -14.20 -16.85 -3.60
N GLU A 48 -13.65 -16.01 -4.43
CA GLU A 48 -13.80 -16.09 -5.84
C GLU A 48 -13.43 -17.51 -6.28
N LYS A 49 -12.79 -18.25 -5.34
CA LYS A 49 -12.37 -19.63 -5.56
C LYS A 49 -13.34 -20.58 -4.89
N GLY A 50 -14.55 -20.12 -4.55
CA GLY A 50 -15.49 -20.98 -3.86
C GLY A 50 -14.82 -21.59 -2.67
N GLU A 51 -13.90 -20.81 -2.13
CA GLU A 51 -13.05 -21.19 -1.03
C GLU A 51 -13.65 -20.81 0.33
N VAL A 52 -13.85 -19.51 0.51
CA VAL A 52 -14.41 -18.94 1.73
C VAL A 52 -14.94 -17.62 1.34
N THR A 53 -15.57 -16.92 2.25
CA THR A 53 -15.96 -15.61 1.90
C THR A 53 -15.09 -14.64 2.68
N TRP A 54 -14.02 -14.22 2.01
CA TRP A 54 -13.06 -13.26 2.55
C TRP A 54 -12.61 -12.27 1.47
N LYS A 55 -12.73 -10.98 1.76
CA LYS A 55 -12.33 -9.94 0.83
C LYS A 55 -11.11 -9.19 1.31
N MET A 56 -10.46 -8.60 0.34
CA MET A 56 -9.26 -7.83 0.58
C MET A 56 -9.59 -6.65 1.49
N GLY A 57 -8.58 -5.87 1.89
CA GLY A 57 -8.84 -4.73 2.73
C GLY A 57 -7.75 -3.68 2.61
N ILE A 58 -6.81 -3.88 1.68
CA ILE A 58 -5.74 -2.92 1.48
C ILE A 58 -4.96 -2.83 2.75
N ASN A 59 -3.83 -3.49 2.80
CA ASN A 59 -3.08 -3.47 4.01
C ASN A 59 -2.50 -2.08 4.29
N HIS A 60 -2.34 -1.76 5.57
CA HIS A 60 -1.82 -0.45 5.97
C HIS A 60 -0.50 -0.12 5.28
N LEU A 61 0.47 -1.01 5.39
CA LEU A 61 1.74 -0.73 4.75
C LEU A 61 1.61 -0.76 3.26
N ALA A 62 0.46 -1.15 2.70
CA ALA A 62 0.37 -1.20 1.26
C ALA A 62 0.63 0.15 0.65
N ASP A 63 0.92 1.13 1.48
CA ASP A 63 1.25 2.43 1.03
C ASP A 63 2.62 2.73 1.55
N LEU A 64 3.01 2.04 2.63
CA LEU A 64 4.36 2.19 3.10
C LEU A 64 4.93 0.85 3.50
N THR A 65 5.59 0.26 2.57
CA THR A 65 6.27 -1.01 2.81
C THR A 65 7.73 -0.71 3.04
N PRO A 66 8.61 -1.72 3.24
CA PRO A 66 10.06 -1.52 3.37
C PRO A 66 10.51 -0.34 2.52
N GLU A 67 9.75 -0.09 1.43
CA GLU A 67 10.02 1.04 0.56
C GLU A 67 10.04 2.29 1.40
N GLU A 68 8.93 2.45 2.08
CA GLU A 68 8.75 3.54 3.01
C GLU A 68 9.50 3.24 4.28
N PHE A 69 9.21 2.04 4.79
CA PHE A 69 9.77 1.53 6.01
C PHE A 69 11.30 1.65 6.03
N ALA A 70 11.89 1.81 4.85
CA ALA A 70 13.33 1.98 4.74
C ALA A 70 13.73 3.41 5.06
N GLN A 71 12.98 4.37 4.51
CA GLN A 71 13.25 5.79 4.75
C GLN A 71 12.11 6.46 5.54
N ARG A 72 11.12 5.67 5.91
CA ARG A 72 9.97 6.15 6.68
C ARG A 72 10.29 6.06 8.16
N SER A 73 10.88 4.93 8.55
CA SER A 73 11.24 4.70 9.93
C SER A 73 11.95 3.36 10.09
N GLY A 74 13.25 3.35 9.87
CA GLY A 74 14.02 2.12 9.99
C GLY A 74 15.48 2.31 9.64
N LYS A 75 15.75 3.17 8.66
CA LYS A 75 17.12 3.45 8.23
C LYS A 75 17.20 4.78 7.49
N LYS A 76 18.39 5.35 7.43
CA LYS A 76 18.59 6.63 6.76
C LYS A 76 19.94 6.65 6.04
N VAL A 77 21.01 6.43 6.79
CA VAL A 77 22.36 6.43 6.24
C VAL A 77 22.49 5.36 5.14
N PRO A 78 22.68 5.78 3.88
CA PRO A 78 22.83 4.85 2.76
C PRO A 78 24.16 4.09 2.80
N PRO A 79 24.24 2.95 2.09
CA PRO A 79 25.46 2.14 2.05
C PRO A 79 26.58 2.81 1.27
N ASN A 80 27.75 2.17 1.25
CA ASN A 80 28.91 2.72 0.54
C ASN A 80 29.62 1.63 -0.26
#